data_8YOR
#
_entry.id   8YOR
#
_cell.length_a   86.750
_cell.length_b   113.560
_cell.length_c   149.499
_cell.angle_alpha   90.00
_cell.angle_beta   106.60
_cell.angle_gamma   90.00
#
_symmetry.space_group_name_H-M   'I 1 2 1'
#
loop_
_entity.id
_entity.type
_entity.pdbx_description
1 polymer 'a-HARSWHEP Fab-light chain'
2 polymer 'a-HARSWHEP Fab-heavy chain'
3 polymer 'Histidine--tRNA ligase, cytoplasmic'
4 water water
#
loop_
_entity_poly.entity_id
_entity_poly.type
_entity_poly.pdbx_seq_one_letter_code
_entity_poly.pdbx_strand_id
1 'polypeptide(L)'
;DIVLTQSPASLAVSLGQRATISCQSQSVSTSTYNYMHWYQQKPGQPPKLLIKYASNLESGVPARFSGSGSGTDFTLNIHP
VEEEDTATYYCQHSWEIPWTFGGGTKLEIKRTVAAPSVFIFPPSDEQLKSGTASVVCLLNNFYPREAKVQWKVDNALQSG
NSQESVTEQDSKDSTYSLSSTLTLSKADYEKHKVYACEVTHQGLSSPVTKSFNRGEC
;
A,C
2 'polypeptide(L)'
;QVQLQQSGAELVRPGSSVRMSCKAVGYTFTDYCIGWIKQRPGHGLEWIGDICPGDAYTNDNEKFKDKATLTADTSSTTAY
MQLSSLTSEDSAIYYCARGEEQVGLRNAMDYWGQGTSVTVSSASTKGPSVFPLAPSSKSTSGGTAALGCLVKDYFPEPVT
VSWNSGALTSGVHTFPAVLQSSGLYSLSSVVTVPSSSLGTQTYICNVNHKPSNTKVDKKVEPKSCGGSHHHHHH
;
B,D
3 'polypeptide(L)' MAERAALEELVKLQGERVRGLKQQKASAELIEEEVAKLLKLKAQLGPDESKQKFVLKTPKHHHHHH E,F
#
# COMPACT_ATOMS: atom_id res chain seq x y z
N ASP A 1 -34.29 20.76 -5.42
CA ASP A 1 -33.61 19.88 -4.47
C ASP A 1 -32.56 20.65 -3.68
N ILE A 2 -32.02 20.00 -2.64
CA ILE A 2 -31.03 20.63 -1.78
C ILE A 2 -29.69 20.76 -2.49
N VAL A 3 -29.19 21.98 -2.58
CA VAL A 3 -27.94 22.26 -3.28
C VAL A 3 -26.77 22.38 -2.30
N LEU A 4 -25.72 21.59 -2.53
CA LEU A 4 -24.52 21.65 -1.72
C LEU A 4 -23.41 22.39 -2.47
N THR A 5 -23.01 23.54 -1.94
CA THR A 5 -21.96 24.35 -2.58
C THR A 5 -20.61 24.15 -1.89
N GLN A 6 -19.66 23.55 -2.61
CA GLN A 6 -18.33 23.34 -2.08
C GLN A 6 -17.38 24.47 -2.49
N SER A 7 -16.35 24.68 -1.69
CA SER A 7 -15.33 25.67 -1.99
C SER A 7 -14.03 25.34 -1.25
N PRO A 8 -12.89 25.41 -1.96
CA PRO A 8 -12.82 25.73 -3.38
C PRO A 8 -13.06 24.51 -4.26
N ALA A 9 -13.26 24.72 -5.56
CA ALA A 9 -13.44 23.61 -6.49
C ALA A 9 -12.15 22.80 -6.61
N SER A 10 -11.02 23.50 -6.50
CA SER A 10 -9.71 22.86 -6.53
C SER A 10 -8.77 23.54 -5.54
N LEU A 11 -7.82 22.78 -5.02
CA LEU A 11 -6.92 23.30 -3.97
C LEU A 11 -5.53 22.69 -4.06
N ALA A 12 -4.52 23.51 -3.79
CA ALA A 12 -3.13 23.05 -3.77
C ALA A 12 -2.48 23.37 -2.43
N VAL A 13 -2.07 22.33 -1.70
CA VAL A 13 -1.51 22.49 -0.36
C VAL A 13 -0.14 21.81 -0.24
N SER A 14 0.80 22.51 0.38
CA SER A 14 2.15 21.98 0.58
C SER A 14 2.17 20.87 1.64
N LEU A 15 3.19 20.02 1.57
CA LEU A 15 3.36 18.93 2.53
C LEU A 15 3.43 19.44 3.97
N GLY A 16 2.66 18.81 4.85
CA GLY A 16 2.69 19.15 6.26
C GLY A 16 1.79 20.32 6.62
N GLN A 17 1.18 20.93 5.62
CA GLN A 17 0.30 22.07 5.86
C GLN A 17 -1.16 21.63 5.99
N ARG A 18 -2.05 22.61 6.16
CA ARG A 18 -3.45 22.33 6.41
C ARG A 18 -4.31 22.50 5.16
N ALA A 19 -5.23 21.56 4.96
CA ALA A 19 -6.22 21.66 3.90
C ALA A 19 -7.60 21.91 4.49
N THR A 20 -8.27 22.95 4.02
CA THR A 20 -9.60 23.29 4.52
C THR A 20 -10.61 23.34 3.39
N ILE A 21 -11.52 22.37 3.38
CA ILE A 21 -12.57 22.30 2.36
C ILE A 21 -13.93 22.60 2.99
N SER A 22 -14.67 23.53 2.39
CA SER A 22 -15.93 23.97 2.95
C SER A 22 -17.13 23.48 2.15
N CYS A 23 -18.24 23.26 2.86
CA CYS A 23 -19.48 22.87 2.21
C CYS A 23 -20.64 23.69 2.79
N GLN A 24 -21.33 24.43 1.94
CA GLN A 24 -22.44 25.26 2.40
C GLN A 24 -23.75 24.85 1.72
N SER A 25 -24.83 24.90 2.49
CA SER A 25 -26.15 24.53 2.00
C SER A 25 -27.21 25.04 2.97
N GLN A 26 -28.45 24.62 2.78
CA GLN A 26 -29.49 24.90 3.75
C GLN A 26 -29.26 24.00 4.96
N SER A 27 -29.96 24.29 6.06
CA SER A 27 -29.76 23.54 7.30
C SER A 27 -30.09 22.07 7.13
N VAL A 28 -29.08 21.22 7.29
CA VAL A 28 -29.27 19.78 7.23
C VAL A 28 -29.01 19.16 8.60
N SER A 29 -29.22 19.97 9.64
CA SER A 29 -29.00 19.52 11.01
C SER A 29 -30.25 19.66 11.85
N THR A 30 -30.46 18.71 12.75
CA THR A 30 -31.46 18.84 13.80
C THR A 30 -30.77 19.46 15.00
N SER A 31 -31.44 19.46 16.14
CA SER A 31 -30.83 19.99 17.37
C SER A 31 -29.89 18.96 17.98
N THR A 32 -29.89 17.76 17.42
CA THR A 32 -29.11 16.65 17.97
C THR A 32 -28.03 16.16 17.01
N TYR A 33 -28.40 15.93 15.76
CA TYR A 33 -27.46 15.37 14.78
C TYR A 33 -27.27 16.27 13.56
N ASN A 34 -26.09 16.18 12.96
CA ASN A 34 -25.79 16.93 11.75
C ASN A 34 -25.63 15.99 10.56
N TYR A 35 -26.59 16.00 9.65
CA TYR A 35 -26.63 15.03 8.57
C TYR A 35 -25.82 15.43 7.35
N MET A 36 -24.54 15.75 7.57
CA MET A 36 -23.61 16.01 6.48
C MET A 36 -22.45 15.02 6.57
N HIS A 37 -22.02 14.51 5.42
CA HIS A 37 -20.99 13.47 5.39
C HIS A 37 -19.89 13.80 4.38
N TRP A 38 -18.71 13.22 4.57
CA TRP A 38 -17.58 13.50 3.69
C TRP A 38 -17.01 12.23 3.06
N TYR A 39 -16.71 12.30 1.77
CA TYR A 39 -16.12 11.19 1.04
C TYR A 39 -14.80 11.58 0.39
N GLN A 40 -13.91 10.59 0.28
CA GLN A 40 -12.67 10.76 -0.48
C GLN A 40 -12.69 9.83 -1.68
N GLN A 41 -12.39 10.36 -2.86
CA GLN A 41 -12.29 9.52 -4.05
C GLN A 41 -10.99 9.76 -4.80
N LYS A 42 -10.16 8.73 -4.82
CA LYS A 42 -8.92 8.76 -5.59
C LYS A 42 -9.20 8.22 -6.99
N PRO A 43 -8.38 8.63 -7.98
CA PRO A 43 -8.58 8.18 -9.37
C PRO A 43 -8.61 6.66 -9.50
N GLY A 44 -9.50 6.15 -10.34
CA GLY A 44 -9.59 4.72 -10.60
C GLY A 44 -10.16 3.93 -9.45
N GLN A 45 -10.64 4.63 -8.42
CA GLN A 45 -11.18 3.98 -7.23
C GLN A 45 -12.57 4.47 -6.90
N PRO A 46 -13.37 3.63 -6.21
CA PRO A 46 -14.65 4.07 -5.67
C PRO A 46 -14.46 5.11 -4.55
N PRO A 47 -15.47 5.95 -4.31
CA PRO A 47 -15.34 6.91 -3.20
C PRO A 47 -15.31 6.21 -1.85
N LYS A 48 -14.58 6.78 -0.91
CA LYS A 48 -14.42 6.20 0.42
C LYS A 48 -14.95 7.16 1.49
N LEU A 49 -15.84 6.67 2.33
CA LEU A 49 -16.40 7.47 3.41
C LEU A 49 -15.32 7.82 4.43
N LEU A 50 -15.17 9.11 4.70
CA LEU A 50 -14.23 9.58 5.71
C LEU A 50 -14.97 9.94 7.00
N ILE A 51 -15.90 10.88 6.88
CA ILE A 51 -16.62 11.40 8.03
C ILE A 51 -18.13 11.24 7.85
N LYS A 52 -18.79 10.71 8.88
CA LYS A 52 -20.25 10.70 8.90
C LYS A 52 -20.76 11.57 10.05
N TYR A 53 -21.92 12.16 9.86
CA TYR A 53 -22.52 13.06 10.85
C TYR A 53 -21.57 14.18 11.25
N ALA A 54 -21.00 14.84 10.24
CA ALA A 54 -20.20 16.06 10.39
C ALA A 54 -18.82 15.86 11.04
N SER A 55 -18.73 15.05 12.09
CA SER A 55 -17.49 14.97 12.85
C SER A 55 -17.09 13.57 13.33
N ASN A 56 -17.79 12.55 12.89
CA ASN A 56 -17.45 11.19 13.30
C ASN A 56 -16.51 10.51 12.31
N LEU A 57 -15.28 10.27 12.76
CA LEU A 57 -14.25 9.67 11.92
C LEU A 57 -14.46 8.17 11.77
N GLU A 58 -14.51 7.70 10.52
CA GLU A 58 -14.65 6.27 10.24
C GLU A 58 -13.40 5.51 10.69
N SER A 59 -13.60 4.29 11.19
CA SER A 59 -12.49 3.46 11.62
C SER A 59 -11.62 3.07 10.44
N GLY A 60 -10.31 3.23 10.60
CA GLY A 60 -9.38 2.94 9.53
C GLY A 60 -8.87 4.20 8.86
N VAL A 61 -9.65 5.27 8.98
CA VAL A 61 -9.26 6.57 8.43
C VAL A 61 -8.35 7.30 9.41
N PRO A 62 -7.18 7.75 8.92
CA PRO A 62 -6.18 8.46 9.72
C PRO A 62 -6.75 9.67 10.46
N ALA A 63 -6.15 9.99 11.61
CA ALA A 63 -6.62 11.09 12.45
C ALA A 63 -6.33 12.46 11.83
N ARG A 64 -5.55 12.46 10.76
CA ARG A 64 -5.24 13.69 10.04
C ARG A 64 -6.50 14.31 9.44
N PHE A 65 -7.49 13.46 9.19
CA PHE A 65 -8.77 13.92 8.67
C PHE A 65 -9.71 14.26 9.83
N SER A 66 -10.43 15.38 9.69
CA SER A 66 -11.39 15.78 10.70
C SER A 66 -12.49 16.64 10.07
N GLY A 67 -13.65 16.65 10.71
CA GLY A 67 -14.77 17.43 10.22
C GLY A 67 -15.45 18.20 11.34
N SER A 68 -16.08 19.31 10.99
CA SER A 68 -16.76 20.15 11.97
C SER A 68 -17.89 20.95 11.33
N GLY A 69 -18.57 21.75 12.14
CA GLY A 69 -19.64 22.59 11.66
C GLY A 69 -21.02 22.01 11.94
N SER A 70 -22.05 22.80 11.66
CA SER A 70 -23.42 22.37 11.86
C SER A 70 -24.38 23.25 11.07
N GLY A 71 -25.62 22.81 10.95
CA GLY A 71 -26.64 23.58 10.26
C GLY A 71 -26.36 23.80 8.79
N THR A 72 -25.82 24.97 8.46
CA THR A 72 -25.65 25.38 7.08
C THR A 72 -24.19 25.33 6.61
N ASP A 73 -23.25 25.24 7.55
CA ASP A 73 -21.84 25.27 7.19
C ASP A 73 -21.05 24.10 7.77
N PHE A 74 -20.30 23.43 6.89
CA PHE A 74 -19.49 22.28 7.29
C PHE A 74 -18.11 22.37 6.65
N THR A 75 -17.08 21.98 7.40
CA THR A 75 -15.72 22.05 6.90
C THR A 75 -14.97 20.74 7.09
N LEU A 76 -14.25 20.34 6.06
CA LEU A 76 -13.35 19.19 6.14
C LEU A 76 -11.92 19.68 6.31
N ASN A 77 -11.20 19.10 7.27
CA ASN A 77 -9.83 19.51 7.53
C ASN A 77 -8.84 18.36 7.38
N ILE A 78 -7.73 18.62 6.69
CA ILE A 78 -6.65 17.65 6.54
C ILE A 78 -5.34 18.25 7.06
N HIS A 79 -4.82 17.69 8.14
CA HIS A 79 -3.59 18.19 8.73
C HIS A 79 -2.89 17.11 9.55
N PRO A 80 -1.62 16.81 9.20
CA PRO A 80 -0.90 17.42 8.07
C PRO A 80 -1.22 16.73 6.74
N VAL A 81 -1.08 17.48 5.65
CA VAL A 81 -1.34 16.94 4.32
C VAL A 81 -0.17 16.09 3.83
N GLU A 82 -0.49 14.91 3.29
CA GLU A 82 0.53 14.00 2.78
C GLU A 82 0.31 13.72 1.29
N GLU A 83 1.31 13.13 0.65
CA GLU A 83 1.28 12.89 -0.79
C GLU A 83 0.10 12.03 -1.21
N GLU A 84 -0.27 11.08 -0.35
CA GLU A 84 -1.33 10.12 -0.67
C GLU A 84 -2.72 10.72 -0.51
N ASP A 85 -2.80 11.99 -0.12
CA ASP A 85 -4.08 12.64 0.11
C ASP A 85 -4.61 13.32 -1.15
N THR A 86 -3.86 13.26 -2.24
CA THR A 86 -4.32 13.83 -3.50
C THR A 86 -5.54 13.05 -3.99
N ALA A 87 -6.67 13.74 -4.06
CA ALA A 87 -7.94 13.11 -4.43
C ALA A 87 -9.03 14.17 -4.57
N THR A 88 -10.22 13.72 -4.94
CA THR A 88 -11.40 14.59 -4.97
C THR A 88 -12.23 14.33 -3.73
N TYR A 89 -12.66 15.39 -3.05
CA TYR A 89 -13.42 15.25 -1.81
C TYR A 89 -14.84 15.77 -1.96
N TYR A 90 -15.80 14.96 -1.55
CA TYR A 90 -17.21 15.29 -1.70
C TYR A 90 -17.92 15.39 -0.36
N CYS A 91 -18.84 16.33 -0.25
CA CYS A 91 -19.77 16.37 0.87
C CYS A 91 -21.11 15.81 0.41
N GLN A 92 -21.86 15.23 1.33
CA GLN A 92 -23.18 14.69 1.01
C GLN A 92 -24.10 14.76 2.22
N HIS A 93 -25.34 15.16 1.99
CA HIS A 93 -26.33 15.22 3.05
C HIS A 93 -27.22 13.98 3.04
N SER A 94 -27.73 13.63 4.22
CA SER A 94 -28.77 12.62 4.33
C SER A 94 -29.95 13.22 5.09
N TRP A 95 -30.26 14.47 4.76
CA TRP A 95 -31.35 15.19 5.41
C TRP A 95 -32.70 14.72 4.92
N GLU A 96 -33.00 15.00 3.66
CA GLU A 96 -34.24 14.56 3.05
C GLU A 96 -34.05 14.17 1.58
N ILE A 97 -34.91 13.28 1.11
CA ILE A 97 -34.90 12.84 -0.29
C ILE A 97 -35.11 14.03 -1.23
N PRO A 98 -34.26 14.15 -2.27
CA PRO A 98 -33.17 13.24 -2.62
C PRO A 98 -31.84 13.59 -1.94
N TRP A 99 -31.01 12.59 -1.70
CA TRP A 99 -29.65 12.85 -1.25
C TRP A 99 -28.88 13.47 -2.40
N THR A 100 -28.11 14.52 -2.11
CA THR A 100 -27.30 15.16 -3.14
C THR A 100 -25.86 15.32 -2.68
N PHE A 101 -24.95 15.41 -3.64
CA PHE A 101 -23.53 15.60 -3.35
C PHE A 101 -23.10 17.02 -3.68
N GLY A 102 -22.00 17.46 -3.08
CA GLY A 102 -21.39 18.71 -3.45
C GLY A 102 -20.68 18.55 -4.78
N GLY A 103 -20.25 19.66 -5.37
CA GLY A 103 -19.56 19.63 -6.65
C GLY A 103 -18.24 18.90 -6.61
N GLY A 104 -17.65 18.80 -5.42
CA GLY A 104 -16.38 18.14 -5.25
C GLY A 104 -15.21 19.11 -5.19
N THR A 105 -14.17 18.74 -4.44
CA THR A 105 -12.96 19.55 -4.34
C THR A 105 -11.74 18.71 -4.70
N LYS A 106 -11.04 19.12 -5.75
CA LYS A 106 -9.84 18.41 -6.17
C LYS A 106 -8.62 18.92 -5.42
N LEU A 107 -8.06 18.07 -4.57
CA LEU A 107 -6.90 18.44 -3.77
C LEU A 107 -5.59 18.01 -4.44
N GLU A 108 -4.74 19.00 -4.73
CA GLU A 108 -3.42 18.73 -5.30
C GLU A 108 -2.36 18.91 -4.23
N ILE A 109 -1.37 18.03 -4.21
CA ILE A 109 -0.27 18.14 -3.25
C ILE A 109 0.85 18.99 -3.84
N LYS A 110 1.24 20.03 -3.11
CA LYS A 110 2.27 20.94 -3.59
C LYS A 110 3.66 20.49 -3.17
N ARG A 111 4.60 20.52 -4.11
CA ARG A 111 5.98 20.12 -3.85
C ARG A 111 6.96 21.06 -4.54
N THR A 112 8.26 20.83 -4.31
CA THR A 112 9.29 21.62 -4.96
C THR A 112 9.27 21.39 -6.46
N VAL A 113 9.74 22.39 -7.21
CA VAL A 113 9.76 22.30 -8.66
C VAL A 113 10.67 21.20 -9.16
N ALA A 114 10.15 20.35 -10.04
CA ALA A 114 10.92 19.28 -10.65
C ALA A 114 10.87 19.39 -12.17
N ALA A 115 12.05 19.42 -12.79
CA ALA A 115 12.14 19.50 -14.24
C ALA A 115 11.85 18.15 -14.88
N PRO A 116 11.12 18.15 -16.00
CA PRO A 116 10.78 16.90 -16.70
C PRO A 116 11.96 16.29 -17.44
N SER A 117 12.08 14.97 -17.40
CA SER A 117 13.00 14.26 -18.26
C SER A 117 12.31 14.02 -19.59
N VAL A 118 12.94 14.44 -20.68
CA VAL A 118 12.30 14.39 -21.99
C VAL A 118 12.85 13.26 -22.86
N PHE A 119 11.93 12.52 -23.49
CA PHE A 119 12.28 11.45 -24.41
C PHE A 119 11.41 11.53 -25.65
N ILE A 120 12.02 11.31 -26.82
CA ILE A 120 11.26 11.28 -28.06
C ILE A 120 11.33 9.89 -28.69
N PHE A 121 10.22 9.43 -29.24
CA PHE A 121 10.15 8.10 -29.84
C PHE A 121 9.66 8.15 -31.28
N PRO A 122 10.47 7.61 -32.21
CA PRO A 122 10.06 7.50 -33.61
C PRO A 122 9.00 6.42 -33.80
N PRO A 123 8.20 6.52 -34.88
CA PRO A 123 7.22 5.47 -35.15
C PRO A 123 7.88 4.15 -35.53
N SER A 124 7.27 3.04 -35.13
CA SER A 124 7.79 1.72 -35.46
C SER A 124 7.57 1.42 -36.94
N ASP A 125 8.41 0.53 -37.49
CA ASP A 125 8.26 0.11 -38.88
C ASP A 125 7.00 -0.73 -39.05
N GLU A 126 6.58 -1.37 -37.97
CA GLU A 126 5.36 -2.18 -38.00
C GLU A 126 4.14 -1.30 -38.20
N GLN A 127 4.14 -0.14 -37.57
CA GLN A 127 3.01 0.79 -37.70
C GLN A 127 2.98 1.43 -39.08
N LEU A 128 4.15 1.70 -39.63
CA LEU A 128 4.25 2.32 -40.95
C LEU A 128 3.63 1.47 -42.04
N LYS A 129 3.58 0.16 -41.82
CA LYS A 129 2.95 -0.76 -42.76
C LYS A 129 1.46 -0.50 -42.85
N SER A 130 0.86 -0.04 -41.76
CA SER A 130 -0.57 0.21 -41.71
C SER A 130 -0.94 1.53 -42.38
N GLY A 131 0.05 2.38 -42.59
CA GLY A 131 -0.15 3.64 -43.30
C GLY A 131 -0.25 4.85 -42.41
N THR A 132 0.08 4.70 -41.13
CA THR A 132 0.04 5.80 -40.18
C THR A 132 1.33 5.86 -39.37
N ALA A 133 1.79 7.07 -39.08
CA ALA A 133 2.98 7.27 -38.27
C ALA A 133 2.66 8.04 -36.99
N SER A 134 3.01 7.46 -35.85
CA SER A 134 2.82 8.12 -34.56
C SER A 134 4.15 8.45 -33.92
N VAL A 135 4.37 9.73 -33.62
CA VAL A 135 5.57 10.16 -32.93
C VAL A 135 5.23 10.59 -31.51
N VAL A 136 5.93 10.03 -30.53
CA VAL A 136 5.60 10.26 -29.13
C VAL A 136 6.71 11.00 -28.39
N CYS A 137 6.32 12.02 -27.64
CA CYS A 137 7.24 12.74 -26.77
C CYS A 137 6.86 12.49 -25.31
N LEU A 138 7.83 12.08 -24.50
CA LEU A 138 7.58 11.75 -23.12
C LEU A 138 8.16 12.79 -22.15
N LEU A 139 7.32 13.32 -21.28
CA LEU A 139 7.76 14.20 -20.21
C LEU A 139 7.59 13.49 -18.88
N ASN A 140 8.69 13.16 -18.23
CA ASN A 140 8.65 12.26 -17.08
C ASN A 140 8.90 12.92 -15.74
N ASN A 141 7.98 12.69 -14.80
CA ASN A 141 8.12 13.11 -13.40
C ASN A 141 8.49 14.57 -13.22
N PHE A 142 7.52 15.46 -13.41
CA PHE A 142 7.76 16.89 -13.28
C PHE A 142 6.70 17.57 -12.41
N TYR A 143 7.02 18.78 -11.97
CA TYR A 143 6.10 19.61 -11.20
C TYR A 143 6.53 21.07 -11.31
N PRO A 144 5.58 21.99 -11.49
CA PRO A 144 4.13 21.78 -11.54
C PRO A 144 3.63 21.16 -12.84
N ARG A 145 2.31 20.97 -12.93
CA ARG A 145 1.68 20.28 -14.05
C ARG A 145 1.82 21.03 -15.37
N GLU A 146 1.82 22.36 -15.30
CA GLU A 146 1.91 23.19 -16.49
C GLU A 146 3.19 22.93 -17.29
N ALA A 147 3.02 22.53 -18.55
CA ALA A 147 4.14 22.28 -19.44
C ALA A 147 3.74 22.54 -20.89
N LYS A 148 4.69 23.02 -21.68
CA LYS A 148 4.43 23.33 -23.08
C LYS A 148 5.17 22.37 -24.00
N VAL A 149 4.43 21.62 -24.79
CA VAL A 149 5.02 20.70 -25.76
C VAL A 149 4.81 21.22 -27.18
N GLN A 150 5.93 21.48 -27.87
CA GLN A 150 5.88 21.99 -29.24
C GLN A 150 6.51 21.01 -30.21
N TRP A 151 5.72 20.54 -31.17
CA TRP A 151 6.22 19.60 -32.18
C TRP A 151 6.83 20.33 -33.38
N LYS A 152 7.98 19.85 -33.84
CA LYS A 152 8.64 20.40 -35.01
C LYS A 152 9.03 19.30 -35.98
N VAL A 153 8.73 19.50 -37.26
CA VAL A 153 9.16 18.57 -38.29
C VAL A 153 9.90 19.34 -39.39
N ASP A 154 11.19 19.03 -39.54
CA ASP A 154 12.09 19.81 -40.39
C ASP A 154 12.00 21.29 -40.03
N ASN A 155 12.06 21.57 -38.72
CA ASN A 155 12.01 22.92 -38.18
C ASN A 155 10.71 23.66 -38.47
N ALA A 156 9.67 22.92 -38.86
CA ALA A 156 8.36 23.52 -39.09
C ALA A 156 7.41 23.23 -37.94
N LEU A 157 6.88 24.28 -37.34
CA LEU A 157 6.00 24.15 -36.19
C LEU A 157 4.68 23.46 -36.55
N GLN A 158 4.23 22.57 -35.69
CA GLN A 158 3.00 21.81 -35.93
C GLN A 158 1.83 22.33 -35.10
N SER A 159 0.63 22.07 -35.57
CA SER A 159 -0.58 22.50 -34.88
C SER A 159 -1.80 21.71 -35.33
N GLY A 160 -2.60 21.26 -34.36
CA GLY A 160 -3.84 20.57 -34.65
C GLY A 160 -3.70 19.09 -34.97
N ASN A 161 -2.46 18.59 -34.97
CA ASN A 161 -2.21 17.20 -35.32
C ASN A 161 -1.55 16.41 -34.19
N SER A 162 -1.77 16.85 -32.96
CA SER A 162 -1.23 16.14 -31.81
C SER A 162 -2.24 16.07 -30.66
N GLN A 163 -2.08 15.07 -29.81
CA GLN A 163 -2.90 14.92 -28.61
C GLN A 163 -2.01 14.51 -27.45
N GLU A 164 -2.20 15.15 -26.30
CA GLU A 164 -1.37 14.83 -25.14
C GLU A 164 -2.19 14.30 -23.97
N SER A 165 -1.61 13.37 -23.23
CA SER A 165 -2.23 12.81 -22.05
C SER A 165 -1.36 13.07 -20.82
N VAL A 166 -2.00 13.29 -19.67
CA VAL A 166 -1.28 13.55 -18.43
C VAL A 166 -1.72 12.59 -17.34
N THR A 167 -0.76 11.99 -16.66
CA THR A 167 -1.06 11.09 -15.56
C THR A 167 -1.61 11.86 -14.36
N GLU A 168 -2.35 11.16 -13.50
CA GLU A 168 -2.77 11.74 -12.23
C GLU A 168 -1.55 12.02 -11.39
N GLN A 169 -1.66 12.95 -10.45
CA GLN A 169 -0.55 13.24 -9.55
C GLN A 169 -0.15 11.98 -8.80
N ASP A 170 1.14 11.65 -8.85
CA ASP A 170 1.64 10.46 -8.17
C ASP A 170 1.46 10.60 -6.66
N SER A 171 0.88 9.56 -6.06
CA SER A 171 0.55 9.60 -4.63
C SER A 171 1.75 9.38 -3.73
N LYS A 172 2.95 9.38 -4.30
CA LYS A 172 4.16 9.18 -3.53
C LYS A 172 5.16 10.33 -3.67
N ASP A 173 5.41 10.77 -4.90
CA ASP A 173 6.36 11.86 -5.14
C ASP A 173 5.70 13.14 -5.64
N SER A 174 4.37 13.08 -5.80
CA SER A 174 3.55 14.25 -6.16
C SER A 174 3.91 14.85 -7.52
N THR A 175 4.55 14.06 -8.39
CA THR A 175 4.92 14.54 -9.71
C THR A 175 3.86 14.19 -10.76
N TYR A 176 4.01 14.77 -11.94
CA TYR A 176 3.17 14.42 -13.09
C TYR A 176 4.04 13.90 -14.22
N SER A 177 3.44 13.14 -15.13
CA SER A 177 4.11 12.75 -16.36
C SER A 177 3.21 13.05 -17.55
N LEU A 178 3.82 13.30 -18.70
CA LEU A 178 3.07 13.69 -19.89
C LEU A 178 3.57 12.98 -21.14
N SER A 179 2.64 12.49 -21.95
CA SER A 179 2.97 11.93 -23.26
C SER A 179 2.23 12.70 -24.34
N SER A 180 2.97 13.12 -25.36
CA SER A 180 2.37 13.81 -26.50
C SER A 180 2.58 13.00 -27.77
N THR A 181 1.50 12.69 -28.47
CA THR A 181 1.58 11.86 -29.66
C THR A 181 1.33 12.67 -30.94
N LEU A 182 2.32 12.71 -31.80
CA LEU A 182 2.20 13.37 -33.09
C LEU A 182 1.75 12.38 -34.16
N THR A 183 0.57 12.60 -34.72
CA THR A 183 -0.01 11.68 -35.69
C THR A 183 0.12 12.20 -37.11
N LEU A 184 0.91 11.47 -37.92
CA LEU A 184 1.11 11.82 -39.32
C LEU A 184 0.76 10.65 -40.23
N SER A 185 0.38 10.96 -41.47
CA SER A 185 0.21 9.93 -42.48
C SER A 185 1.58 9.42 -42.89
N LYS A 186 1.63 8.20 -43.42
CA LYS A 186 2.90 7.61 -43.86
C LYS A 186 3.56 8.46 -44.93
N ALA A 187 2.75 9.03 -45.81
CA ALA A 187 3.25 9.87 -46.89
C ALA A 187 3.87 11.15 -46.37
N ASP A 188 3.13 11.85 -45.51
CA ASP A 188 3.60 13.11 -44.94
C ASP A 188 4.82 12.89 -44.03
N TYR A 189 4.89 11.71 -43.42
CA TYR A 189 5.99 11.39 -42.52
C TYR A 189 7.29 11.12 -43.29
N GLU A 190 7.17 10.38 -44.40
CA GLU A 190 8.35 9.98 -45.16
C GLU A 190 8.87 11.06 -46.09
N LYS A 191 8.20 12.21 -46.09
CA LYS A 191 8.64 13.34 -46.92
C LYS A 191 9.51 14.30 -46.12
N HIS A 192 9.80 13.92 -44.87
CA HIS A 192 10.58 14.78 -43.99
C HIS A 192 11.67 14.01 -43.25
N LYS A 193 12.55 14.73 -42.56
CA LYS A 193 13.72 14.14 -41.93
C LYS A 193 13.77 14.38 -40.43
N VAL A 194 13.90 15.65 -40.03
CA VAL A 194 14.11 15.99 -38.63
C VAL A 194 12.81 16.14 -37.86
N TYR A 195 12.62 15.28 -36.85
CA TYR A 195 11.44 15.34 -35.99
C TYR A 195 11.87 15.68 -34.57
N ALA A 196 11.40 16.82 -34.07
CA ALA A 196 11.85 17.32 -32.78
C ALA A 196 10.69 17.64 -31.84
N CYS A 197 10.89 17.37 -30.56
CA CYS A 197 9.93 17.72 -29.52
C CYS A 197 10.53 18.76 -28.59
N GLU A 198 9.93 19.94 -28.54
CA GLU A 198 10.44 21.03 -27.70
C GLU A 198 9.59 21.21 -26.46
N VAL A 199 10.23 21.19 -25.29
CA VAL A 199 9.52 21.27 -24.02
C VAL A 199 9.88 22.51 -23.22
N THR A 200 8.86 23.26 -22.81
CA THR A 200 9.06 24.42 -21.95
C THR A 200 8.39 24.19 -20.60
N HIS A 201 9.19 24.21 -19.54
CA HIS A 201 8.69 23.97 -18.19
C HIS A 201 9.37 24.91 -17.20
N GLN A 202 8.69 25.18 -16.09
CA GLN A 202 9.20 26.10 -15.07
C GLN A 202 10.56 25.66 -14.54
N GLY A 203 10.76 24.36 -14.40
CA GLY A 203 12.00 23.82 -13.88
C GLY A 203 13.17 23.90 -14.85
N LEU A 204 12.88 24.31 -16.08
CA LEU A 204 13.92 24.44 -17.10
C LEU A 204 14.24 25.91 -17.34
N SER A 205 15.53 26.24 -17.29
CA SER A 205 15.98 27.60 -17.52
C SER A 205 16.01 27.92 -19.02
N SER A 206 15.75 26.90 -19.83
CA SER A 206 15.70 27.05 -21.28
C SER A 206 14.94 25.87 -21.89
N PRO A 207 14.23 26.11 -23.01
CA PRO A 207 13.48 25.05 -23.69
C PRO A 207 14.37 23.86 -24.08
N VAL A 208 13.92 22.66 -23.74
CA VAL A 208 14.69 21.45 -24.02
C VAL A 208 14.13 20.70 -25.23
N THR A 209 15.00 20.38 -26.18
CA THR A 209 14.58 19.73 -27.41
C THR A 209 15.20 18.35 -27.58
N LYS A 210 14.36 17.35 -27.84
CA LYS A 210 14.82 16.03 -28.22
C LYS A 210 14.48 15.80 -29.69
N SER A 211 15.39 15.16 -30.43
CA SER A 211 15.21 15.00 -31.87
C SER A 211 15.70 13.65 -32.37
N PHE A 212 15.28 13.30 -33.58
CA PHE A 212 15.80 12.14 -34.28
C PHE A 212 15.69 12.35 -35.79
N ASN A 213 16.54 11.67 -36.54
CA ASN A 213 16.48 11.73 -37.99
C ASN A 213 15.85 10.46 -38.56
N ARG A 214 14.86 10.64 -39.43
CA ARG A 214 14.16 9.52 -40.03
C ARG A 214 15.11 8.67 -40.88
N GLY A 215 15.36 7.44 -40.43
CA GLY A 215 16.25 6.54 -41.12
C GLY A 215 17.55 6.32 -40.38
N GLU A 216 17.89 7.25 -39.49
CA GLU A 216 19.12 7.16 -38.71
C GLU A 216 19.05 6.02 -37.71
N CYS A 217 20.13 5.26 -37.62
CA CYS A 217 20.22 4.14 -36.69
C CYS A 217 20.67 4.63 -35.31
N GLN B 1 -16.35 -10.07 6.59
CA GLN B 1 -16.12 -8.79 5.92
C GLN B 1 -17.30 -8.40 5.05
N VAL B 2 -17.75 -7.16 5.17
CA VAL B 2 -18.82 -6.64 4.35
C VAL B 2 -18.31 -6.35 2.95
N GLN B 3 -18.96 -6.93 1.95
CA GLN B 3 -18.56 -6.75 0.56
C GLN B 3 -19.76 -6.56 -0.36
N LEU B 4 -19.66 -5.56 -1.24
CA LEU B 4 -20.68 -5.37 -2.27
C LEU B 4 -20.07 -5.69 -3.63
N GLN B 5 -20.48 -6.83 -4.19
CA GLN B 5 -19.87 -7.35 -5.39
C GLN B 5 -20.72 -7.10 -6.63
N GLN B 6 -20.29 -6.16 -7.46
CA GLN B 6 -21.07 -5.75 -8.63
C GLN B 6 -20.71 -6.54 -9.88
N SER B 7 -21.56 -6.44 -10.89
CA SER B 7 -21.36 -7.15 -12.14
C SER B 7 -20.41 -6.40 -13.08
N GLY B 8 -19.97 -7.08 -14.14
CA GLY B 8 -18.96 -6.54 -15.03
C GLY B 8 -19.39 -5.40 -15.91
N ALA B 9 -18.40 -4.75 -16.54
CA ALA B 9 -18.64 -3.63 -17.44
C ALA B 9 -19.57 -4.02 -18.59
N GLU B 10 -20.31 -3.05 -19.11
CA GLU B 10 -21.27 -3.33 -20.17
C GLU B 10 -21.15 -2.37 -21.33
N LEU B 11 -21.18 -2.91 -22.54
CA LEU B 11 -21.24 -2.12 -23.76
C LEU B 11 -22.58 -2.35 -24.45
N VAL B 12 -23.41 -1.31 -24.53
CA VAL B 12 -24.76 -1.45 -25.07
C VAL B 12 -25.12 -0.31 -26.02
N ARG B 13 -26.02 -0.59 -26.96
CA ARG B 13 -26.42 0.37 -27.97
C ARG B 13 -27.48 1.33 -27.45
N PRO B 14 -27.52 2.56 -27.99
CA PRO B 14 -28.54 3.55 -27.63
C PRO B 14 -29.96 3.04 -27.81
N GLY B 15 -30.85 3.38 -26.88
CA GLY B 15 -32.24 2.98 -26.96
C GLY B 15 -32.52 1.63 -26.34
N SER B 16 -31.46 0.91 -25.99
CA SER B 16 -31.61 -0.42 -25.39
C SER B 16 -31.73 -0.34 -23.87
N SER B 17 -31.83 -1.49 -23.23
CA SER B 17 -31.96 -1.56 -21.77
C SER B 17 -30.88 -2.45 -21.17
N VAL B 18 -30.36 -2.03 -20.01
CA VAL B 18 -29.30 -2.79 -19.35
C VAL B 18 -29.68 -3.07 -17.89
N ARG B 19 -29.20 -4.17 -17.35
CA ARG B 19 -29.48 -4.57 -15.98
C ARG B 19 -28.23 -5.08 -15.27
N MET B 20 -27.83 -4.39 -14.21
CA MET B 20 -26.63 -4.75 -13.45
C MET B 20 -27.00 -5.26 -12.06
N SER B 21 -26.10 -6.03 -11.45
CA SER B 21 -26.39 -6.66 -10.17
C SER B 21 -25.41 -6.22 -9.07
N CYS B 22 -25.87 -6.31 -7.82
CA CYS B 22 -25.05 -5.98 -6.67
C CYS B 22 -25.17 -7.04 -5.58
N LYS B 23 -24.19 -7.93 -5.50
CA LYS B 23 -24.17 -8.98 -4.49
C LYS B 23 -23.62 -8.45 -3.17
N ALA B 24 -24.44 -8.52 -2.12
CA ALA B 24 -24.04 -8.00 -0.81
C ALA B 24 -23.86 -9.13 0.21
N VAL B 25 -22.68 -9.19 0.81
CA VAL B 25 -22.37 -10.22 1.81
C VAL B 25 -21.72 -9.63 3.04
N GLY B 26 -21.66 -10.41 4.12
CA GLY B 26 -20.98 -10.01 5.33
C GLY B 26 -21.86 -9.30 6.33
N TYR B 27 -23.15 -9.21 6.04
CA TYR B 27 -24.11 -8.56 6.93
C TYR B 27 -25.53 -8.98 6.60
N THR B 28 -26.46 -8.73 7.51
CA THR B 28 -27.86 -9.06 7.30
C THR B 28 -28.48 -8.15 6.24
N PHE B 29 -28.78 -8.76 5.09
CA PHE B 29 -29.23 -8.05 3.89
C PHE B 29 -30.43 -7.13 4.10
N THR B 30 -31.38 -7.58 4.91
CA THR B 30 -32.65 -6.87 5.06
C THR B 30 -32.63 -5.80 6.14
N ASP B 31 -31.47 -5.61 6.77
CA ASP B 31 -31.35 -4.62 7.84
C ASP B 31 -30.84 -3.26 7.33
N TYR B 32 -30.44 -3.22 6.07
CA TYR B 32 -29.88 -2.00 5.49
C TYR B 32 -30.48 -1.66 4.14
N CYS B 33 -30.50 -0.37 3.83
CA CYS B 33 -30.83 0.08 2.47
C CYS B 33 -29.56 0.14 1.64
N ILE B 34 -29.70 -0.05 0.34
CA ILE B 34 -28.55 0.04 -0.57
C ILE B 34 -28.73 1.19 -1.55
N GLY B 35 -27.75 2.08 -1.60
CA GLY B 35 -27.81 3.22 -2.49
C GLY B 35 -27.13 2.97 -3.82
N TRP B 36 -27.66 3.60 -4.87
CA TRP B 36 -27.04 3.54 -6.19
C TRP B 36 -26.58 4.93 -6.60
N ILE B 37 -25.34 5.01 -7.07
CA ILE B 37 -24.71 6.30 -7.34
C ILE B 37 -24.14 6.34 -8.76
N LYS B 38 -24.38 7.45 -9.45
CA LYS B 38 -23.91 7.62 -10.82
C LYS B 38 -22.71 8.56 -10.89
N GLN B 39 -21.64 8.11 -11.54
CA GLN B 39 -20.45 8.93 -11.70
C GLN B 39 -19.98 8.98 -13.15
N ARG B 40 -20.11 10.15 -13.77
CA ARG B 40 -19.51 10.39 -15.08
C ARG B 40 -18.71 11.68 -15.03
N PRO B 41 -17.63 11.76 -15.83
CA PRO B 41 -16.72 12.92 -15.85
C PRO B 41 -17.46 14.24 -16.05
N GLY B 42 -17.19 15.20 -15.17
CA GLY B 42 -17.78 16.53 -15.28
C GLY B 42 -19.08 16.68 -14.54
N HIS B 43 -19.52 15.63 -13.86
CA HIS B 43 -20.80 15.66 -13.15
C HIS B 43 -20.70 15.10 -11.74
N GLY B 44 -19.47 14.82 -11.30
CA GLY B 44 -19.22 14.34 -9.95
C GLY B 44 -19.99 13.09 -9.58
N LEU B 45 -20.69 13.15 -8.44
CA LEU B 45 -21.50 12.03 -7.97
C LEU B 45 -22.97 12.43 -7.92
N GLU B 46 -23.85 11.47 -8.22
CA GLU B 46 -25.28 11.71 -8.22
C GLU B 46 -26.04 10.51 -7.67
N TRP B 47 -26.93 10.75 -6.72
CA TRP B 47 -27.71 9.69 -6.11
C TRP B 47 -28.87 9.27 -7.00
N ILE B 48 -28.93 7.99 -7.33
CA ILE B 48 -29.97 7.48 -8.23
C ILE B 48 -31.21 7.04 -7.46
N GLY B 49 -30.99 6.30 -6.39
CA GLY B 49 -32.08 5.78 -5.59
C GLY B 49 -31.61 4.77 -4.56
N ASP B 50 -32.46 4.50 -3.57
CA ASP B 50 -32.16 3.50 -2.55
C ASP B 50 -33.08 2.29 -2.69
N ILE B 51 -32.55 1.11 -2.42
CA ILE B 51 -33.37 -0.09 -2.34
C ILE B 51 -33.31 -0.62 -0.91
N CYS B 52 -34.48 -0.89 -0.34
CA CYS B 52 -34.56 -1.38 1.03
C CYS B 52 -35.19 -2.77 1.08
N PRO B 53 -34.34 -3.81 0.98
CA PRO B 53 -34.74 -5.22 0.86
C PRO B 53 -35.58 -5.75 2.02
N GLY B 54 -36.14 -6.94 1.85
CA GLY B 54 -37.06 -7.52 2.80
C GLY B 54 -38.48 -7.25 2.34
N ASP B 55 -39.20 -6.44 3.11
CA ASP B 55 -40.45 -5.88 2.62
C ASP B 55 -40.06 -4.71 1.72
N ALA B 56 -39.68 -5.03 0.50
CA ALA B 56 -38.97 -4.11 -0.38
C ALA B 56 -39.72 -2.83 -0.71
N TYR B 57 -39.07 -1.69 -0.46
CA TYR B 57 -39.52 -0.41 -0.95
C TYR B 57 -38.31 0.36 -1.46
N THR B 58 -38.54 1.45 -2.18
CA THR B 58 -37.44 2.24 -2.70
C THR B 58 -37.54 3.71 -2.30
N ASN B 59 -36.39 4.35 -2.14
CA ASN B 59 -36.30 5.80 -2.07
C ASN B 59 -35.95 6.32 -3.45
N ASP B 60 -36.81 7.17 -4.01
CA ASP B 60 -36.71 7.52 -5.41
C ASP B 60 -36.13 8.90 -5.67
N ASN B 61 -35.38 9.02 -6.76
CA ASN B 61 -34.97 10.31 -7.28
C ASN B 61 -35.81 10.62 -8.52
N GLU B 62 -36.50 11.75 -8.49
CA GLU B 62 -37.42 12.11 -9.57
C GLU B 62 -36.72 12.24 -10.92
N LYS B 63 -35.45 12.62 -10.88
CA LYS B 63 -34.66 12.79 -12.10
C LYS B 63 -34.37 11.45 -12.78
N PHE B 64 -34.60 10.35 -12.05
CA PHE B 64 -34.39 9.01 -12.58
C PHE B 64 -35.68 8.19 -12.56
N LYS B 65 -36.82 8.85 -12.75
CA LYS B 65 -38.12 8.19 -12.62
C LYS B 65 -38.30 7.01 -13.57
N ASP B 66 -38.20 7.27 -14.87
CA ASP B 66 -38.39 6.22 -15.87
C ASP B 66 -37.06 5.67 -16.37
N LYS B 67 -35.96 6.23 -15.88
CA LYS B 67 -34.63 5.82 -16.31
C LYS B 67 -34.13 4.59 -15.55
N ALA B 68 -34.25 4.65 -14.22
CA ALA B 68 -33.75 3.58 -13.38
C ALA B 68 -34.88 2.85 -12.65
N THR B 69 -34.69 1.54 -12.47
CA THR B 69 -35.65 0.72 -11.72
C THR B 69 -34.89 -0.16 -10.73
N LEU B 70 -35.22 -0.04 -9.46
CA LEU B 70 -34.48 -0.75 -8.40
C LEU B 70 -35.25 -1.94 -7.85
N THR B 71 -34.62 -3.11 -7.89
CA THR B 71 -35.22 -4.31 -7.32
C THR B 71 -34.21 -5.04 -6.45
N ALA B 72 -34.67 -6.08 -5.76
CA ALA B 72 -33.80 -6.87 -4.90
C ALA B 72 -34.30 -8.30 -4.76
N ASP B 73 -33.36 -9.22 -4.54
CA ASP B 73 -33.67 -10.61 -4.27
C ASP B 73 -33.06 -11.00 -2.93
N THR B 74 -33.91 -11.16 -1.92
CA THR B 74 -33.45 -11.40 -0.55
C THR B 74 -32.72 -12.73 -0.39
N SER B 75 -33.23 -13.76 -1.08
CA SER B 75 -32.65 -15.10 -0.97
C SER B 75 -31.20 -15.15 -1.42
N SER B 76 -30.87 -14.40 -2.47
CA SER B 76 -29.51 -14.36 -2.98
C SER B 76 -28.79 -13.09 -2.54
N THR B 77 -29.44 -12.32 -1.66
CA THR B 77 -28.93 -11.04 -1.16
C THR B 77 -28.32 -10.18 -2.26
N THR B 78 -29.06 -10.02 -3.36
CA THR B 78 -28.58 -9.28 -4.51
C THR B 78 -29.54 -8.17 -4.90
N ALA B 79 -29.00 -6.96 -5.04
CA ALA B 79 -29.79 -5.82 -5.52
C ALA B 79 -29.55 -5.62 -7.01
N TYR B 80 -30.60 -5.22 -7.73
CA TYR B 80 -30.49 -5.01 -9.17
C TYR B 80 -30.90 -3.59 -9.55
N MET B 81 -30.23 -3.04 -10.55
CA MET B 81 -30.65 -1.78 -11.16
C MET B 81 -30.76 -1.93 -12.66
N GLN B 82 -31.91 -1.54 -13.21
CA GLN B 82 -32.12 -1.59 -14.65
C GLN B 82 -32.20 -0.19 -15.23
N LEU B 83 -31.35 0.08 -16.22
CA LEU B 83 -31.37 1.35 -16.94
C LEU B 83 -31.97 1.16 -18.33
N SER B 84 -33.04 1.91 -18.62
CA SER B 84 -33.72 1.78 -19.90
C SER B 84 -33.63 3.06 -20.72
N SER B 85 -34.00 2.96 -22.00
CA SER B 85 -33.94 4.08 -22.94
C SER B 85 -32.57 4.74 -22.91
N LEU B 86 -31.53 3.93 -23.06
CA LEU B 86 -30.16 4.37 -22.86
C LEU B 86 -29.67 5.37 -23.90
N THR B 87 -29.09 6.45 -23.41
CA THR B 87 -28.46 7.45 -24.27
C THR B 87 -27.01 7.63 -23.86
N SER B 88 -26.29 8.51 -24.54
CA SER B 88 -24.89 8.77 -24.23
C SER B 88 -24.73 9.35 -22.82
N GLU B 89 -25.76 10.03 -22.34
CA GLU B 89 -25.75 10.62 -21.01
C GLU B 89 -25.79 9.56 -19.91
N ASP B 90 -26.09 8.32 -20.29
CA ASP B 90 -26.15 7.22 -19.33
C ASP B 90 -24.79 6.52 -19.23
N SER B 91 -23.85 6.94 -20.06
CA SER B 91 -22.50 6.38 -20.00
C SER B 91 -21.77 6.87 -18.76
N ALA B 92 -21.62 5.98 -17.78
CA ALA B 92 -21.03 6.35 -16.50
C ALA B 92 -20.66 5.11 -15.71
N ILE B 93 -19.92 5.31 -14.62
CA ILE B 93 -19.65 4.24 -13.67
C ILE B 93 -20.72 4.25 -12.59
N TYR B 94 -21.32 3.09 -12.34
CA TYR B 94 -22.39 2.98 -11.36
C TYR B 94 -21.99 2.15 -10.14
N TYR B 95 -22.03 2.79 -8.97
CA TYR B 95 -21.71 2.10 -7.72
C TYR B 95 -22.97 1.75 -6.94
N CYS B 96 -22.92 0.62 -6.24
CA CYS B 96 -23.89 0.34 -5.19
C CYS B 96 -23.17 0.47 -3.86
N ALA B 97 -23.87 1.00 -2.86
CA ALA B 97 -23.25 1.23 -1.55
C ALA B 97 -24.24 1.00 -0.42
N ARG B 98 -23.78 0.34 0.64
CA ARG B 98 -24.63 0.09 1.79
C ARG B 98 -24.92 1.39 2.53
N GLY B 99 -26.20 1.74 2.60
CA GLY B 99 -26.61 2.97 3.23
C GLY B 99 -27.12 2.81 4.65
N GLU B 100 -28.18 3.53 4.97
CA GLU B 100 -28.73 3.58 6.32
C GLU B 100 -29.27 2.25 6.80
N GLU B 101 -29.28 2.07 8.12
CA GLU B 101 -30.02 0.98 8.75
C GLU B 101 -31.50 1.24 8.53
N GLN B 102 -32.25 0.20 8.13
CA GLN B 102 -33.65 0.38 7.78
C GLN B 102 -34.48 0.88 8.96
N VAL B 103 -34.06 0.54 10.18
CA VAL B 103 -34.76 1.00 11.37
C VAL B 103 -33.90 1.97 12.18
N GLY B 104 -32.84 2.47 11.56
CA GLY B 104 -31.95 3.42 12.21
C GLY B 104 -32.08 4.81 11.63
N LEU B 105 -31.20 5.71 12.06
CA LEU B 105 -31.20 7.09 11.56
C LEU B 105 -30.82 7.16 10.09
N ARG B 106 -31.03 8.32 9.49
CA ARG B 106 -30.48 8.61 8.17
C ARG B 106 -28.97 8.53 8.28
N ASN B 107 -28.31 8.07 7.21
CA ASN B 107 -26.89 7.80 7.30
C ASN B 107 -26.15 8.02 5.98
N ALA B 108 -24.83 7.89 6.03
CA ALA B 108 -24.01 7.93 4.84
C ALA B 108 -23.90 6.53 4.24
N MET B 109 -23.02 6.38 3.25
CA MET B 109 -22.79 5.08 2.64
C MET B 109 -21.34 4.66 2.86
N ASP B 110 -21.15 3.62 3.67
CA ASP B 110 -19.82 3.24 4.13
C ASP B 110 -19.13 2.19 3.25
N TYR B 111 -19.84 1.12 2.92
CA TYR B 111 -19.25 0.07 2.09
C TYR B 111 -19.71 0.19 0.64
N TRP B 112 -18.74 0.32 -0.27
CA TRP B 112 -19.02 0.56 -1.67
C TRP B 112 -18.62 -0.61 -2.57
N GLY B 113 -19.35 -0.79 -3.66
CA GLY B 113 -18.96 -1.74 -4.69
C GLY B 113 -17.87 -1.12 -5.53
N GLN B 114 -17.19 -1.95 -6.32
CA GLN B 114 -16.10 -1.46 -7.16
C GLN B 114 -16.60 -0.76 -8.40
N GLY B 115 -17.92 -0.74 -8.59
CA GLY B 115 -18.53 -0.01 -9.68
C GLY B 115 -18.72 -0.82 -10.94
N THR B 116 -19.72 -0.43 -11.73
CA THR B 116 -19.97 -1.07 -13.02
C THR B 116 -20.00 -0.01 -14.11
N SER B 117 -18.99 -0.03 -14.98
CA SER B 117 -18.92 0.92 -16.08
C SER B 117 -19.91 0.55 -17.18
N VAL B 118 -20.72 1.52 -17.58
CA VAL B 118 -21.69 1.31 -18.64
C VAL B 118 -21.38 2.22 -19.83
N THR B 119 -21.05 1.61 -20.97
CA THR B 119 -20.78 2.38 -22.18
C THR B 119 -21.95 2.29 -23.14
N VAL B 120 -22.57 3.43 -23.41
CA VAL B 120 -23.66 3.49 -24.39
C VAL B 120 -23.11 4.00 -25.71
N SER B 121 -23.02 3.10 -26.68
CA SER B 121 -22.46 3.43 -27.98
C SER B 121 -22.98 2.49 -29.06
N SER B 122 -22.96 2.96 -30.31
CA SER B 122 -23.36 2.13 -31.44
C SER B 122 -22.13 1.65 -32.20
N ALA B 123 -20.96 2.04 -31.71
CA ALA B 123 -19.69 1.67 -32.34
C ALA B 123 -19.32 0.23 -32.00
N SER B 124 -18.62 -0.43 -32.93
CA SER B 124 -18.24 -1.82 -32.76
C SER B 124 -16.99 -1.97 -31.89
N THR B 125 -16.88 -3.12 -31.24
CA THR B 125 -15.69 -3.45 -30.45
C THR B 125 -14.49 -3.62 -31.39
N LYS B 126 -13.35 -3.04 -31.00
CA LYS B 126 -12.14 -3.21 -31.80
C LYS B 126 -10.92 -3.41 -30.91
N GLY B 127 -10.16 -4.45 -31.20
CA GLY B 127 -8.93 -4.74 -30.49
C GLY B 127 -7.83 -3.78 -30.91
N PRO B 128 -6.88 -3.51 -29.99
CA PRO B 128 -5.82 -2.53 -30.22
C PRO B 128 -4.63 -3.08 -31.00
N SER B 129 -3.87 -2.18 -31.63
CA SER B 129 -2.58 -2.53 -32.18
C SER B 129 -1.49 -2.07 -31.23
N VAL B 130 -0.51 -2.92 -30.97
CA VAL B 130 0.54 -2.60 -30.03
C VAL B 130 1.88 -2.40 -30.73
N PHE B 131 2.44 -1.20 -30.59
CA PHE B 131 3.71 -0.86 -31.22
C PHE B 131 4.75 -0.50 -30.17
N PRO B 132 6.00 -0.91 -30.40
CA PRO B 132 7.07 -0.62 -29.45
C PRO B 132 7.48 0.85 -29.44
N LEU B 133 7.82 1.36 -28.26
CA LEU B 133 8.48 2.64 -28.14
C LEU B 133 9.94 2.39 -27.79
N ALA B 134 10.74 2.12 -28.82
CA ALA B 134 12.11 1.66 -28.64
C ALA B 134 13.00 2.70 -27.95
N PRO B 135 13.85 2.25 -27.03
CA PRO B 135 14.78 3.13 -26.31
C PRO B 135 15.81 3.73 -27.26
N SER B 136 16.07 5.03 -27.10
CA SER B 136 16.99 5.74 -27.99
C SER B 136 18.42 5.22 -27.85
N SER B 137 19.16 5.26 -28.94
CA SER B 137 20.56 4.88 -28.93
C SER B 137 21.41 6.03 -28.39
N LYS B 138 20.76 7.17 -28.18
CA LYS B 138 21.41 8.36 -27.63
C LYS B 138 21.45 8.29 -26.10
N SER B 139 20.84 7.24 -25.55
CA SER B 139 20.76 7.06 -24.11
C SER B 139 22.13 7.14 -23.45
N THR B 140 22.22 7.94 -22.38
CA THR B 140 23.47 8.12 -21.64
C THR B 140 23.98 6.80 -21.11
N SER B 141 25.24 6.48 -21.44
CA SER B 141 25.84 5.17 -21.16
C SER B 141 25.61 4.64 -19.75
N GLY B 142 25.77 5.51 -18.75
CA GLY B 142 25.57 5.11 -17.37
C GLY B 142 24.35 5.75 -16.73
N GLY B 143 23.45 6.26 -17.56
CA GLY B 143 22.29 6.98 -17.07
C GLY B 143 20.99 6.20 -17.16
N THR B 144 19.90 6.92 -17.44
CA THR B 144 18.57 6.32 -17.47
C THR B 144 17.93 6.44 -18.85
N ALA B 145 17.48 5.32 -19.38
CA ALA B 145 16.79 5.30 -20.67
C ALA B 145 15.29 5.09 -20.48
N ALA B 146 14.51 5.45 -21.49
CA ALA B 146 13.07 5.25 -21.44
C ALA B 146 12.58 4.47 -22.65
N LEU B 147 11.69 3.52 -22.40
CA LEU B 147 11.07 2.74 -23.46
C LEU B 147 9.61 2.51 -23.11
N GLY B 148 8.84 1.98 -24.05
CA GLY B 148 7.44 1.72 -23.80
C GLY B 148 6.67 1.04 -24.91
N CYS B 149 5.35 1.08 -24.81
CA CYS B 149 4.47 0.48 -25.81
C CYS B 149 3.35 1.45 -26.18
N LEU B 150 3.08 1.54 -27.47
CA LEU B 150 1.96 2.35 -27.96
C LEU B 150 0.76 1.45 -28.22
N VAL B 151 -0.32 1.68 -27.48
CA VAL B 151 -1.54 0.91 -27.63
C VAL B 151 -2.58 1.75 -28.37
N LYS B 152 -2.78 1.45 -29.64
CA LYS B 152 -3.53 2.34 -30.53
C LYS B 152 -4.80 1.71 -31.11
N ASP B 153 -5.82 2.55 -31.29
CA ASP B 153 -7.03 2.19 -32.02
C ASP B 153 -7.82 1.03 -31.42
N TYR B 154 -8.43 1.25 -30.26
CA TYR B 154 -9.27 0.24 -29.65
C TYR B 154 -10.58 0.84 -29.11
N PHE B 155 -11.58 -0.02 -28.96
CA PHE B 155 -12.86 0.39 -28.42
C PHE B 155 -13.61 -0.82 -27.86
N PRO B 156 -14.22 -0.67 -26.67
CA PRO B 156 -14.16 0.54 -25.87
C PRO B 156 -13.03 0.51 -24.85
N GLU B 157 -13.12 1.35 -23.83
CA GLU B 157 -12.21 1.30 -22.69
C GLU B 157 -12.63 0.14 -21.79
N PRO B 158 -11.69 -0.38 -20.98
CA PRO B 158 -10.28 0.02 -20.93
C PRO B 158 -9.33 -1.04 -21.48
N VAL B 159 -8.06 -0.68 -21.59
CA VAL B 159 -7.00 -1.66 -21.77
C VAL B 159 -6.11 -1.62 -20.54
N THR B 160 -5.58 -2.77 -20.15
CA THR B 160 -4.65 -2.84 -19.03
C THR B 160 -3.26 -3.19 -19.53
N VAL B 161 -2.25 -2.55 -18.95
CA VAL B 161 -0.88 -2.79 -19.34
C VAL B 161 0.02 -3.06 -18.13
N SER B 162 0.72 -4.20 -18.15
CA SER B 162 1.74 -4.49 -17.16
C SER B 162 3.06 -4.69 -17.88
N TRP B 163 4.13 -4.84 -17.11
CA TRP B 163 5.45 -5.09 -17.68
C TRP B 163 6.10 -6.32 -17.06
N ASN B 164 6.56 -7.23 -17.92
CA ASN B 164 7.12 -8.51 -17.48
C ASN B 164 6.18 -9.23 -16.53
N SER B 165 4.92 -9.35 -16.94
CA SER B 165 3.90 -10.08 -16.18
C SER B 165 3.68 -9.51 -14.77
N GLY B 166 3.87 -8.20 -14.63
CA GLY B 166 3.60 -7.53 -13.37
C GLY B 166 4.77 -7.48 -12.41
N ALA B 167 5.88 -8.09 -12.79
CA ALA B 167 7.08 -8.09 -11.94
C ALA B 167 7.77 -6.73 -11.97
N LEU B 168 7.68 -6.03 -13.09
CA LEU B 168 8.29 -4.72 -13.23
C LEU B 168 7.26 -3.61 -13.07
N THR B 169 7.33 -2.90 -11.96
CA THR B 169 6.36 -1.86 -11.65
C THR B 169 7.01 -0.49 -11.41
N SER B 170 8.25 -0.51 -10.95
CA SER B 170 8.98 0.73 -10.66
C SER B 170 9.32 1.50 -11.93
N GLY B 171 8.98 2.79 -11.94
CA GLY B 171 9.28 3.65 -13.08
C GLY B 171 8.26 3.55 -14.19
N VAL B 172 7.20 2.79 -13.94
CA VAL B 172 6.16 2.58 -14.96
C VAL B 172 5.09 3.68 -14.92
N HIS B 173 4.81 4.26 -16.07
CA HIS B 173 3.70 5.19 -16.23
C HIS B 173 2.78 4.73 -17.35
N THR B 174 1.55 4.38 -17.01
CA THR B 174 0.55 4.05 -18.01
C THR B 174 -0.44 5.21 -18.13
N PHE B 175 -0.34 5.94 -19.24
CA PHE B 175 -1.10 7.16 -19.43
C PHE B 175 -2.58 6.92 -19.68
N PRO B 176 -3.44 7.85 -19.21
CA PRO B 176 -4.88 7.81 -19.51
C PRO B 176 -5.13 7.80 -21.01
N ALA B 177 -6.12 7.02 -21.43
CA ALA B 177 -6.45 6.92 -22.84
C ALA B 177 -6.96 8.24 -23.40
N VAL B 178 -6.61 8.53 -24.64
CA VAL B 178 -7.11 9.72 -25.32
C VAL B 178 -8.03 9.32 -26.47
N LEU B 179 -9.19 9.95 -26.55
CA LEU B 179 -10.15 9.68 -27.61
C LEU B 179 -9.72 10.38 -28.90
N GLN B 180 -9.32 9.58 -29.88
CA GLN B 180 -8.90 10.12 -31.18
C GLN B 180 -10.10 10.56 -31.99
N SER B 181 -9.86 11.34 -33.04
CA SER B 181 -10.94 11.85 -33.89
C SER B 181 -11.67 10.74 -34.63
N SER B 182 -11.01 9.60 -34.77
CA SER B 182 -11.60 8.46 -35.46
C SER B 182 -12.61 7.72 -34.57
N GLY B 183 -12.77 8.19 -33.34
CA GLY B 183 -13.69 7.59 -32.40
C GLY B 183 -13.06 6.41 -31.67
N LEU B 184 -11.79 6.16 -31.97
CA LEU B 184 -11.06 5.07 -31.33
C LEU B 184 -10.10 5.60 -30.27
N TYR B 185 -9.89 4.80 -29.22
CA TYR B 185 -9.02 5.21 -28.13
C TYR B 185 -7.57 4.86 -28.43
N SER B 186 -6.67 5.47 -27.66
CA SER B 186 -5.25 5.19 -27.78
C SER B 186 -4.52 5.66 -26.53
N LEU B 187 -3.51 4.91 -26.11
CA LEU B 187 -2.70 5.33 -24.97
C LEU B 187 -1.28 4.80 -25.08
N SER B 188 -0.41 5.28 -24.21
CA SER B 188 0.95 4.78 -24.12
C SER B 188 1.22 4.27 -22.71
N SER B 189 2.22 3.40 -22.59
CA SER B 189 2.72 2.96 -21.31
C SER B 189 4.24 2.97 -21.38
N VAL B 190 4.87 3.69 -20.47
CA VAL B 190 6.32 3.84 -20.51
C VAL B 190 6.98 3.38 -19.22
N VAL B 191 8.29 3.11 -19.30
CA VAL B 191 9.06 2.72 -18.13
C VAL B 191 10.51 3.18 -18.29
N THR B 192 11.08 3.69 -17.21
CA THR B 192 12.47 4.11 -17.22
C THR B 192 13.37 3.01 -16.67
N VAL B 193 14.45 2.72 -17.39
CA VAL B 193 15.33 1.61 -17.06
C VAL B 193 16.80 2.04 -17.15
N PRO B 194 17.70 1.29 -16.50
CA PRO B 194 19.13 1.59 -16.67
C PRO B 194 19.57 1.40 -18.12
N SER B 195 20.41 2.31 -18.61
CA SER B 195 20.88 2.23 -19.99
C SER B 195 21.78 1.02 -20.21
N SER B 196 22.41 0.55 -19.13
CA SER B 196 23.29 -0.61 -19.21
C SER B 196 22.52 -1.91 -19.36
N SER B 197 21.19 -1.83 -19.28
CA SER B 197 20.34 -3.01 -19.33
C SER B 197 19.63 -3.15 -20.68
N LEU B 198 19.78 -2.14 -21.53
CA LEU B 198 19.06 -2.10 -22.81
C LEU B 198 19.40 -3.24 -23.75
N GLY B 199 20.67 -3.62 -23.79
CA GLY B 199 21.13 -4.64 -24.72
C GLY B 199 21.14 -6.04 -24.14
N THR B 200 20.85 -6.18 -22.85
CA THR B 200 20.98 -7.46 -22.18
C THR B 200 19.71 -7.93 -21.48
N GLN B 201 18.91 -7.00 -20.99
CA GLN B 201 17.71 -7.37 -20.23
C GLN B 201 16.44 -7.31 -21.07
N THR B 202 15.45 -8.11 -20.68
CA THR B 202 14.21 -8.23 -21.42
C THR B 202 13.14 -7.29 -20.86
N TYR B 203 12.42 -6.62 -21.76
CA TYR B 203 11.30 -5.76 -21.36
C TYR B 203 10.08 -6.03 -22.25
N ILE B 204 9.07 -6.65 -21.65
CA ILE B 204 7.86 -7.01 -22.38
C ILE B 204 6.62 -6.36 -21.77
N CYS B 205 5.90 -5.59 -22.57
CA CYS B 205 4.65 -5.01 -22.12
C CYS B 205 3.51 -5.99 -22.36
N ASN B 206 2.66 -6.16 -21.35
CA ASN B 206 1.53 -7.07 -21.46
C ASN B 206 0.23 -6.29 -21.63
N VAL B 207 -0.24 -6.20 -22.87
CA VAL B 207 -1.46 -5.46 -23.17
C VAL B 207 -2.67 -6.38 -23.18
N ASN B 208 -3.74 -5.96 -22.51
CA ASN B 208 -4.96 -6.73 -22.47
C ASN B 208 -6.19 -5.86 -22.72
N HIS B 209 -6.97 -6.25 -23.73
CA HIS B 209 -8.22 -5.58 -24.03
C HIS B 209 -9.38 -6.58 -23.96
N LYS B 210 -10.00 -6.66 -22.79
CA LYS B 210 -11.03 -7.64 -22.51
C LYS B 210 -12.23 -7.63 -23.49
N PRO B 211 -12.78 -6.45 -23.83
CA PRO B 211 -13.97 -6.48 -24.70
C PRO B 211 -13.77 -7.15 -26.07
N SER B 212 -12.53 -7.26 -26.54
CA SER B 212 -12.28 -7.85 -27.84
C SER B 212 -11.48 -9.15 -27.76
N ASN B 213 -11.28 -9.64 -26.54
CA ASN B 213 -10.48 -10.84 -26.30
C ASN B 213 -9.08 -10.71 -26.89
N THR B 214 -8.50 -9.52 -26.75
CA THR B 214 -7.17 -9.24 -27.27
C THR B 214 -6.13 -9.24 -26.17
N LYS B 215 -5.16 -10.14 -26.27
CA LYS B 215 -4.02 -10.16 -25.37
C LYS B 215 -2.73 -10.16 -26.17
N VAL B 216 -1.88 -9.17 -25.94
CA VAL B 216 -0.64 -9.03 -26.69
C VAL B 216 0.57 -8.88 -25.77
N ASP B 217 1.58 -9.71 -25.99
CA ASP B 217 2.86 -9.57 -25.29
C ASP B 217 3.92 -9.04 -26.25
N LYS B 218 4.30 -7.79 -26.06
CA LYS B 218 5.21 -7.13 -27.00
C LYS B 218 6.58 -6.88 -26.36
N LYS B 219 7.61 -7.52 -26.91
CA LYS B 219 8.97 -7.31 -26.42
C LYS B 219 9.55 -6.02 -26.99
N VAL B 220 10.04 -5.16 -26.12
CA VAL B 220 10.61 -3.88 -26.54
C VAL B 220 12.13 -3.88 -26.41
N GLU B 221 12.82 -3.69 -27.53
CA GLU B 221 14.27 -3.71 -27.55
C GLU B 221 14.82 -2.63 -28.48
N PRO B 222 16.08 -2.22 -28.28
CA PRO B 222 16.71 -1.23 -29.16
C PRO B 222 16.63 -1.61 -30.64
N LYS B 223 16.22 -0.66 -31.47
CA LYS B 223 16.08 -0.90 -32.90
C LYS B 223 17.46 -0.95 -33.57
N SER B 224 17.74 -2.08 -34.24
CA SER B 224 19.03 -2.25 -34.92
C SER B 224 18.86 -2.13 -36.43
N ARG C 4 -41.50 -11.41 27.83
CA ARG C 4 -40.54 -11.07 26.77
C ARG C 4 -41.24 -10.95 25.42
N ALA C 5 -42.17 -11.86 25.15
CA ALA C 5 -42.92 -11.86 23.89
C ALA C 5 -43.76 -10.60 23.75
N ALA C 6 -44.22 -10.07 24.89
CA ALA C 6 -44.97 -8.83 24.89
C ALA C 6 -44.07 -7.65 24.62
N LEU C 7 -42.80 -7.77 25.03
CA LEU C 7 -41.81 -6.72 24.82
C LEU C 7 -41.21 -6.82 23.43
N GLU C 8 -41.11 -8.04 22.91
CA GLU C 8 -40.65 -8.25 21.54
C GLU C 8 -41.67 -7.73 20.55
N GLU C 9 -42.94 -7.77 20.94
CA GLU C 9 -44.03 -7.27 20.13
C GLU C 9 -43.96 -5.76 20.00
N LEU C 10 -43.49 -5.10 21.06
CA LEU C 10 -43.34 -3.65 21.06
C LEU C 10 -42.20 -3.21 20.14
N VAL C 11 -41.10 -3.96 20.17
CA VAL C 11 -39.94 -3.66 19.33
C VAL C 11 -40.25 -3.88 17.86
N LYS C 12 -40.93 -4.99 17.57
CA LYS C 12 -41.35 -5.30 16.20
C LYS C 12 -42.27 -4.21 15.64
N LEU C 13 -43.23 -3.79 16.45
CA LEU C 13 -44.19 -2.76 16.03
C LEU C 13 -43.52 -1.39 15.86
N GLN C 14 -42.66 -1.03 16.81
CA GLN C 14 -41.97 0.26 16.76
C GLN C 14 -40.99 0.29 15.60
N GLY C 15 -40.41 -0.86 15.28
CA GLY C 15 -39.50 -0.96 14.16
C GLY C 15 -40.24 -0.80 12.83
N GLU C 16 -41.52 -1.15 12.83
CA GLU C 16 -42.35 -0.99 11.65
C GLU C 16 -42.93 0.42 11.59
N ARG C 17 -42.92 1.10 12.73
CA ARG C 17 -43.32 2.50 12.80
C ARG C 17 -42.30 3.39 12.11
N VAL C 18 -41.02 3.15 12.40
CA VAL C 18 -39.95 3.96 11.82
C VAL C 18 -39.78 3.65 10.33
N ARG C 19 -40.22 2.45 9.92
CA ARG C 19 -40.18 2.06 8.51
C ARG C 19 -41.25 2.81 7.73
N GLY C 20 -42.47 2.79 8.25
CA GLY C 20 -43.59 3.47 7.62
C GLY C 20 -43.33 4.95 7.45
N LEU C 21 -42.75 5.57 8.49
CA LEU C 21 -42.44 6.99 8.44
C LEU C 21 -41.36 7.30 7.40
N LYS C 22 -40.47 6.34 7.16
CA LYS C 22 -39.46 6.50 6.12
C LYS C 22 -40.08 6.36 4.73
N GLN C 23 -41.03 5.45 4.61
CA GLN C 23 -41.75 5.27 3.34
C GLN C 23 -42.61 6.49 3.04
N GLN C 24 -43.06 7.17 4.08
CA GLN C 24 -43.91 8.35 3.93
C GLN C 24 -43.08 9.62 3.72
N LYS C 25 -41.76 9.46 3.65
CA LYS C 25 -40.82 10.56 3.45
C LYS C 25 -40.99 11.65 4.52
N ALA C 26 -41.20 11.22 5.76
CA ALA C 26 -41.38 12.15 6.86
C ALA C 26 -40.07 12.87 7.18
N SER C 27 -40.16 13.94 7.96
CA SER C 27 -39.00 14.74 8.31
C SER C 27 -37.95 13.94 9.07
N ALA C 28 -36.71 14.41 9.03
CA ALA C 28 -35.60 13.72 9.70
C ALA C 28 -35.72 13.82 11.21
N GLU C 29 -36.32 14.91 11.68
CA GLU C 29 -36.53 15.12 13.11
C GLU C 29 -37.44 14.04 13.70
N LEU C 30 -38.47 13.69 12.95
CA LEU C 30 -39.45 12.69 13.39
C LEU C 30 -38.81 11.30 13.46
N ILE C 31 -37.98 10.98 12.48
CA ILE C 31 -37.30 9.69 12.43
C ILE C 31 -36.39 9.50 13.64
N GLU C 32 -35.67 10.57 14.02
CA GLU C 32 -34.84 10.56 15.21
C GLU C 32 -35.62 10.13 16.44
N GLU C 33 -36.75 10.79 16.67
CA GLU C 33 -37.58 10.55 17.84
C GLU C 33 -38.06 9.11 17.91
N GLU C 34 -38.45 8.57 16.77
CA GLU C 34 -38.99 7.22 16.71
C GLU C 34 -37.90 6.15 16.80
N VAL C 35 -36.73 6.45 16.25
CA VAL C 35 -35.58 5.56 16.37
C VAL C 35 -35.13 5.53 17.82
N ALA C 36 -35.19 6.69 18.48
CA ALA C 36 -34.85 6.79 19.89
C ALA C 36 -35.83 5.99 20.75
N LYS C 37 -37.09 5.94 20.33
CA LYS C 37 -38.09 5.12 20.99
C LYS C 37 -37.75 3.64 20.87
N LEU C 38 -37.39 3.22 19.66
CA LEU C 38 -37.01 1.85 19.38
C LEU C 38 -35.76 1.46 20.18
N LEU C 39 -34.81 2.38 20.24
CA LEU C 39 -33.58 2.18 21.00
C LEU C 39 -33.90 1.95 22.48
N LYS C 40 -34.84 2.74 22.99
CA LYS C 40 -35.29 2.62 24.37
C LYS C 40 -35.91 1.25 24.65
N LEU C 41 -36.72 0.78 23.70
CA LEU C 41 -37.39 -0.51 23.83
C LEU C 41 -36.40 -1.67 23.71
N LYS C 42 -35.42 -1.53 22.82
CA LYS C 42 -34.44 -2.59 22.59
C LYS C 42 -33.54 -2.80 23.80
N ALA C 43 -33.31 -1.73 24.56
CA ALA C 43 -32.46 -1.81 25.74
C ALA C 43 -33.10 -2.64 26.85
N GLN C 44 -34.42 -2.79 26.77
CA GLN C 44 -35.16 -3.56 27.77
C GLN C 44 -35.11 -5.05 27.47
N LEU C 45 -35.05 -5.40 26.18
CA LEU C 45 -34.95 -6.79 25.76
C LEU C 45 -33.58 -7.37 26.10
N ASP D 1 37.84 -2.17 13.90
CA ASP D 1 37.16 -1.77 12.67
C ASP D 1 36.51 -0.40 12.83
N ILE D 2 36.08 0.19 11.71
CA ILE D 2 35.46 1.50 11.72
C ILE D 2 34.11 1.46 12.42
N VAL D 3 34.01 2.18 13.54
CA VAL D 3 32.79 2.18 14.34
C VAL D 3 31.87 3.34 13.97
N LEU D 4 30.62 3.02 13.66
CA LEU D 4 29.61 4.04 13.39
C LEU D 4 28.75 4.28 14.63
N THR D 5 28.87 5.47 15.21
CA THR D 5 28.07 5.84 16.37
C THR D 5 26.82 6.61 15.95
N GLN D 6 25.65 5.99 16.13
CA GLN D 6 24.39 6.64 15.79
C GLN D 6 23.79 7.35 16.99
N SER D 7 23.09 8.46 16.73
CA SER D 7 22.44 9.22 17.78
C SER D 7 21.25 10.00 17.22
N PRO D 8 20.10 9.92 17.90
CA PRO D 8 19.90 9.10 19.10
C PRO D 8 19.59 7.65 18.76
N ALA D 9 19.57 6.79 19.78
CA ALA D 9 19.24 5.38 19.56
C ALA D 9 17.75 5.23 19.25
N SER D 10 16.97 6.18 19.76
CA SER D 10 15.52 6.19 19.52
C SER D 10 14.96 7.58 19.74
N LEU D 11 13.86 7.90 19.07
CA LEU D 11 13.23 9.20 19.20
C LEU D 11 11.77 9.15 18.76
N ALA D 12 10.94 10.00 19.37
CA ALA D 12 9.54 10.11 18.99
C ALA D 12 9.26 11.48 18.39
N VAL D 13 8.74 11.48 17.17
CA VAL D 13 8.48 12.73 16.44
C VAL D 13 7.00 12.86 16.08
N SER D 14 6.44 14.04 16.32
CA SER D 14 5.04 14.30 16.00
C SER D 14 4.84 14.42 14.49
N LEU D 15 3.61 14.17 14.04
CA LEU D 15 3.25 14.28 12.63
C LEU D 15 3.52 15.67 12.07
N GLY D 16 4.24 15.74 10.97
CA GLY D 16 4.52 17.00 10.30
C GLY D 16 5.80 17.66 10.76
N GLN D 17 6.40 17.11 11.81
CA GLN D 17 7.63 17.68 12.36
C GLN D 17 8.88 17.07 11.72
N ARG D 18 10.04 17.51 12.17
CA ARG D 18 11.31 17.06 11.58
C ARG D 18 12.02 16.03 12.46
N ALA D 19 12.51 14.97 11.84
CA ALA D 19 13.30 13.96 12.53
C ALA D 19 14.75 14.07 12.09
N THR D 20 15.66 14.14 13.05
CA THR D 20 17.08 14.26 12.76
C THR D 20 17.88 13.13 13.39
N ILE D 21 18.49 12.30 12.55
CA ILE D 21 19.31 11.18 13.01
C ILE D 21 20.76 11.41 12.62
N SER D 22 21.67 11.28 13.58
CA SER D 22 23.08 11.56 13.33
C SER D 22 23.93 10.29 13.32
N CYS D 23 24.99 10.32 12.53
CA CYS D 23 25.95 9.22 12.47
C CYS D 23 27.38 9.77 12.44
N GLN D 24 28.14 9.47 13.49
CA GLN D 24 29.51 9.96 13.59
C GLN D 24 30.51 8.81 13.58
N SER D 25 31.68 9.06 12.98
CA SER D 25 32.73 8.04 12.89
C SER D 25 34.06 8.69 12.50
N GLN D 26 35.00 7.85 12.08
CA GLN D 26 36.23 8.37 11.50
C GLN D 26 35.92 8.86 10.09
N SER D 27 36.81 9.68 9.53
CA SER D 27 36.59 10.25 8.22
C SER D 27 36.41 9.17 7.14
N VAL D 28 35.24 9.17 6.51
CA VAL D 28 34.94 8.22 5.44
C VAL D 28 34.67 8.98 4.15
N SER D 29 35.21 10.18 4.04
CA SER D 29 35.00 11.01 2.86
C SER D 29 36.32 11.36 2.18
N THR D 30 36.27 11.50 0.86
CA THR D 30 37.40 12.01 0.10
C THR D 30 37.11 13.45 -0.31
N SER D 31 37.86 13.94 -1.29
CA SER D 31 37.66 15.31 -1.77
C SER D 31 36.45 15.40 -2.70
N THR D 32 35.98 14.26 -3.18
CA THR D 32 34.91 14.24 -4.18
C THR D 32 33.70 13.42 -3.77
N TYR D 33 33.88 12.47 -2.86
CA TYR D 33 32.79 11.60 -2.45
C TYR D 33 32.71 11.38 -0.95
N ASN D 34 31.49 11.26 -0.44
CA ASN D 34 31.24 10.90 0.95
C ASN D 34 30.67 9.49 1.04
N TYR D 35 31.47 8.55 1.52
CA TYR D 35 31.07 7.15 1.52
C TYR D 35 30.27 6.75 2.75
N MET D 36 29.15 7.45 2.96
CA MET D 36 28.21 7.09 4.01
C MET D 36 26.81 6.94 3.40
N HIS D 37 26.11 5.89 3.79
CA HIS D 37 24.81 5.59 3.20
C HIS D 37 23.74 5.38 4.26
N TRP D 38 22.49 5.66 3.92
CA TRP D 38 21.39 5.52 4.87
C TRP D 38 20.37 4.48 4.42
N TYR D 39 19.92 3.66 5.38
CA TYR D 39 18.93 2.63 5.09
C TYR D 39 17.69 2.78 5.97
N GLN D 40 16.56 2.28 5.47
CA GLN D 40 15.33 2.22 6.23
C GLN D 40 14.87 0.77 6.33
N GLN D 41 14.63 0.30 7.55
CA GLN D 41 14.12 -1.05 7.72
C GLN D 41 12.85 -1.08 8.58
N LYS D 42 11.75 -1.45 7.95
CA LYS D 42 10.48 -1.63 8.65
C LYS D 42 10.39 -3.06 9.16
N PRO D 43 9.59 -3.28 10.22
CA PRO D 43 9.43 -4.62 10.79
C PRO D 43 8.99 -5.66 9.75
N GLY D 44 9.59 -6.85 9.81
CA GLY D 44 9.23 -7.93 8.92
C GLY D 44 9.65 -7.71 7.48
N GLN D 45 10.50 -6.71 7.25
CA GLN D 45 10.94 -6.37 5.91
C GLN D 45 12.46 -6.20 5.83
N PRO D 46 13.04 -6.49 4.66
CA PRO D 46 14.46 -6.24 4.42
C PRO D 46 14.79 -4.75 4.43
N PRO D 47 16.06 -4.40 4.71
CA PRO D 47 16.48 -3.00 4.68
C PRO D 47 16.26 -2.37 3.30
N LYS D 48 15.94 -1.08 3.26
CA LYS D 48 15.74 -0.37 2.01
C LYS D 48 16.70 0.82 1.93
N LEU D 49 17.45 0.91 0.85
CA LEU D 49 18.40 2.00 0.66
C LEU D 49 17.68 3.32 0.41
N LEU D 50 17.89 4.29 1.30
CA LEU D 50 17.31 5.61 1.15
C LEU D 50 18.25 6.57 0.45
N ILE D 51 19.41 6.79 1.06
CA ILE D 51 20.37 7.78 0.58
C ILE D 51 21.68 7.16 0.15
N LYS D 52 22.12 7.50 -1.06
CA LYS D 52 23.43 7.10 -1.55
C LYS D 52 24.42 8.23 -1.36
N TYR D 53 25.64 7.89 -0.94
CA TYR D 53 26.73 8.86 -0.80
C TYR D 53 26.32 10.11 -0.03
N ALA D 54 25.80 9.90 1.18
CA ALA D 54 25.46 10.97 2.13
C ALA D 54 24.29 11.86 1.72
N SER D 55 24.16 12.19 0.44
CA SER D 55 23.17 13.18 0.02
C SER D 55 22.30 12.79 -1.18
N ASN D 56 22.72 11.78 -1.94
CA ASN D 56 21.99 11.41 -3.15
C ASN D 56 20.78 10.52 -2.87
N LEU D 57 19.61 11.01 -3.25
CA LEU D 57 18.35 10.32 -2.99
C LEU D 57 18.05 9.26 -4.04
N GLU D 58 17.76 8.04 -3.58
CA GLU D 58 17.38 6.95 -4.48
C GLU D 58 16.04 7.24 -5.14
N SER D 59 15.89 6.81 -6.39
CA SER D 59 14.64 7.01 -7.12
C SER D 59 13.51 6.23 -6.48
N GLY D 60 12.37 6.88 -6.30
CA GLY D 60 11.22 6.27 -5.66
C GLY D 60 11.09 6.70 -4.22
N VAL D 61 12.20 7.08 -3.62
CA VAL D 61 12.20 7.56 -2.24
C VAL D 61 11.71 9.01 -2.19
N PRO D 62 10.66 9.26 -1.39
CA PRO D 62 10.05 10.59 -1.25
C PRO D 62 11.07 11.66 -0.88
N ALA D 63 10.82 12.90 -1.32
CA ALA D 63 11.74 14.00 -1.09
C ALA D 63 11.76 14.44 0.37
N ARG D 64 10.89 13.84 1.18
CA ARG D 64 10.86 14.10 2.61
C ARG D 64 12.15 13.64 3.28
N PHE D 65 12.80 12.66 2.66
CA PHE D 65 14.06 12.16 3.16
C PHE D 65 15.24 12.91 2.55
N SER D 66 16.14 13.37 3.40
CA SER D 66 17.34 14.07 2.94
C SER D 66 18.53 13.73 3.83
N GLY D 67 19.73 13.86 3.27
CA GLY D 67 20.94 13.61 4.02
C GLY D 67 22.02 14.63 3.69
N SER D 68 22.93 14.86 4.64
CA SER D 68 24.01 15.80 4.43
C SER D 68 25.21 15.45 5.31
N GLY D 69 26.19 16.33 5.34
CA GLY D 69 27.38 16.13 6.14
C GLY D 69 28.53 15.59 5.34
N SER D 70 29.71 15.53 5.96
CA SER D 70 30.91 15.05 5.30
C SER D 70 31.97 14.65 6.31
N GLY D 71 32.93 13.84 5.88
CA GLY D 71 34.05 13.44 6.72
C GLY D 71 33.66 12.57 7.89
N THR D 72 33.47 13.19 9.06
CA THR D 72 33.24 12.46 10.29
C THR D 72 31.79 12.55 10.78
N ASP D 73 31.00 13.43 10.16
CA ASP D 73 29.63 13.65 10.62
C ASP D 73 28.62 13.65 9.48
N PHE D 74 27.56 12.85 9.65
CA PHE D 74 26.49 12.75 8.68
C PHE D 74 25.14 12.74 9.39
N THR D 75 24.15 13.40 8.80
CA THR D 75 22.82 13.44 9.39
C THR D 75 21.74 13.05 8.40
N LEU D 76 20.76 12.29 8.88
CA LEU D 76 19.57 11.95 8.09
C LEU D 76 18.39 12.79 8.57
N ASN D 77 17.76 13.49 7.64
CA ASN D 77 16.60 14.32 7.98
C ASN D 77 15.32 13.83 7.33
N ILE D 78 14.25 13.77 8.13
CA ILE D 78 12.93 13.39 7.64
C ILE D 78 11.92 14.49 7.96
N HIS D 79 11.47 15.20 6.94
CA HIS D 79 10.52 16.29 7.12
C HIS D 79 9.69 16.54 5.87
N PRO D 80 8.35 16.55 6.03
CA PRO D 80 7.66 16.29 7.30
C PRO D 80 7.50 14.79 7.58
N VAL D 81 7.50 14.43 8.87
CA VAL D 81 7.38 13.04 9.28
C VAL D 81 5.95 12.53 9.14
N GLU D 82 5.81 11.33 8.58
CA GLU D 82 4.49 10.71 8.40
C GLU D 82 4.39 9.40 9.17
N GLU D 83 3.17 8.87 9.29
CA GLU D 83 2.93 7.65 10.05
C GLU D 83 3.72 6.46 9.52
N GLU D 84 3.86 6.39 8.21
CA GLU D 84 4.50 5.25 7.56
C GLU D 84 6.03 5.31 7.70
N ASP D 85 6.54 6.34 8.35
CA ASP D 85 7.98 6.51 8.51
C ASP D 85 8.51 5.81 9.76
N THR D 86 7.62 5.19 10.53
CA THR D 86 8.05 4.46 11.72
C THR D 86 8.85 3.22 11.31
N ALA D 87 10.13 3.23 11.65
CA ALA D 87 11.05 2.15 11.30
C ALA D 87 12.39 2.35 11.99
N THR D 88 13.33 1.46 11.71
CA THR D 88 14.69 1.61 12.20
C THR D 88 15.58 2.10 11.06
N TYR D 89 16.39 3.12 11.34
CA TYR D 89 17.24 3.71 10.31
C TYR D 89 18.71 3.45 10.57
N TYR D 90 19.40 2.95 9.55
CA TYR D 90 20.80 2.57 9.68
C TYR D 90 21.71 3.41 8.78
N CYS D 91 22.86 3.79 9.31
CA CYS D 91 23.91 4.37 8.49
C CYS D 91 24.94 3.29 8.19
N GLN D 92 25.56 3.36 7.01
CA GLN D 92 26.58 2.40 6.63
C GLN D 92 27.67 3.09 5.82
N HIS D 93 28.92 2.69 6.04
CA HIS D 93 30.02 3.25 5.29
C HIS D 93 30.53 2.26 4.25
N SER D 94 30.97 2.78 3.12
CA SER D 94 31.64 1.97 2.11
C SER D 94 33.04 2.52 1.90
N TRP D 95 33.73 2.81 3.00
CA TRP D 95 35.07 3.39 2.96
C TRP D 95 36.12 2.31 2.71
N GLU D 96 36.34 1.46 3.71
CA GLU D 96 37.30 0.37 3.60
C GLU D 96 36.78 -0.88 4.31
N ILE D 97 37.23 -2.03 3.85
CA ILE D 97 36.88 -3.31 4.46
C ILE D 97 37.34 -3.32 5.92
N PRO D 98 36.44 -3.74 6.84
CA PRO D 98 35.09 -4.23 6.57
C PRO D 98 34.03 -3.14 6.56
N TRP D 99 32.96 -3.34 5.80
CA TRP D 99 31.81 -2.45 5.88
C TRP D 99 31.11 -2.68 7.20
N THR D 100 30.77 -1.60 7.89
CA THR D 100 30.06 -1.72 9.17
C THR D 100 28.84 -0.81 9.20
N PHE D 101 27.82 -1.23 9.96
CA PHE D 101 26.62 -0.44 10.13
C PHE D 101 26.60 0.26 11.48
N GLY D 102 25.78 1.29 11.61
CA GLY D 102 25.55 1.91 12.90
C GLY D 102 24.64 1.04 13.73
N GLY D 103 24.46 1.40 14.99
CA GLY D 103 23.62 0.63 15.89
C GLY D 103 22.16 0.64 15.51
N GLY D 104 21.74 1.66 14.77
CA GLY D 104 20.37 1.79 14.33
C GLY D 104 19.54 2.71 15.22
N THR D 105 18.72 3.54 14.58
CA THR D 105 17.84 4.45 15.30
C THR D 105 16.38 4.08 15.09
N LYS D 106 15.65 3.85 16.17
CA LYS D 106 14.23 3.55 16.09
C LYS D 106 13.40 4.84 16.08
N LEU D 107 12.68 5.06 14.99
CA LEU D 107 11.81 6.23 14.88
C LEU D 107 10.37 5.88 15.23
N GLU D 108 9.84 6.52 16.27
CA GLU D 108 8.45 6.36 16.65
C GLU D 108 7.65 7.60 16.24
N ILE D 109 6.48 7.38 15.65
CA ILE D 109 5.62 8.50 15.28
C ILE D 109 4.75 8.88 16.47
N LYS D 110 4.86 10.14 16.89
CA LYS D 110 4.13 10.61 18.06
C LYS D 110 2.75 11.14 17.68
N ARG D 111 1.72 10.60 18.31
CA ARG D 111 0.35 11.02 18.06
C ARG D 111 -0.35 11.41 19.36
N THR D 112 -1.62 11.77 19.26
CA THR D 112 -2.42 12.10 20.43
C THR D 112 -2.64 10.86 21.29
N VAL D 113 -2.88 11.08 22.58
CA VAL D 113 -3.12 9.98 23.51
C VAL D 113 -4.42 9.26 23.18
N ALA D 114 -4.33 7.94 23.06
CA ALA D 114 -5.51 7.12 22.76
C ALA D 114 -5.67 6.00 23.79
N ALA D 115 -6.84 5.94 24.40
CA ALA D 115 -7.12 4.92 25.40
C ALA D 115 -7.32 3.55 24.75
N PRO D 116 -6.82 2.49 25.39
CA PRO D 116 -6.96 1.13 24.86
C PRO D 116 -8.34 0.53 25.09
N SER D 117 -8.90 -0.10 24.07
CA SER D 117 -10.11 -0.90 24.24
C SER D 117 -9.73 -2.23 24.86
N VAL D 118 -10.34 -2.54 25.99
CA VAL D 118 -9.96 -3.73 26.75
C VAL D 118 -10.96 -4.87 26.59
N PHE D 119 -10.45 -6.06 26.26
CA PHE D 119 -11.26 -7.26 26.14
C PHE D 119 -10.60 -8.41 26.88
N ILE D 120 -11.40 -9.23 27.55
CA ILE D 120 -10.87 -10.39 28.25
C ILE D 120 -11.49 -11.68 27.69
N PHE D 121 -10.66 -12.71 27.53
CA PHE D 121 -11.10 -13.96 26.95
C PHE D 121 -10.83 -15.15 27.88
N PRO D 122 -11.88 -15.93 28.18
CA PRO D 122 -11.73 -17.15 28.97
C PRO D 122 -11.10 -18.26 28.14
N PRO D 123 -10.46 -19.23 28.81
CA PRO D 123 -9.88 -20.36 28.06
C PRO D 123 -10.97 -21.24 27.45
N SER D 124 -10.73 -21.75 26.26
CA SER D 124 -11.70 -22.61 25.59
C SER D 124 -11.83 -23.95 26.29
N ASP D 125 -13.00 -24.57 26.16
CA ASP D 125 -13.25 -25.87 26.75
C ASP D 125 -12.40 -26.93 26.05
N GLU D 126 -12.04 -26.66 24.79
CA GLU D 126 -11.19 -27.56 24.03
C GLU D 126 -9.79 -27.61 24.63
N GLN D 127 -9.30 -26.45 25.06
CA GLN D 127 -7.97 -26.36 25.66
C GLN D 127 -7.95 -26.98 27.05
N LEU D 128 -9.08 -26.85 27.76
CA LEU D 128 -9.21 -27.39 29.11
C LEU D 128 -9.09 -28.91 29.12
N LYS D 129 -9.43 -29.54 28.00
CA LYS D 129 -9.31 -30.98 27.87
C LYS D 129 -7.85 -31.42 27.89
N SER D 130 -6.96 -30.53 27.45
CA SER D 130 -5.54 -30.83 27.42
C SER D 130 -4.90 -30.68 28.79
N GLY D 131 -5.57 -29.95 29.68
CA GLY D 131 -5.09 -29.79 31.05
C GLY D 131 -4.47 -28.43 31.30
N THR D 132 -4.62 -27.51 30.36
CA THR D 132 -4.05 -26.17 30.48
C THR D 132 -5.11 -25.11 30.19
N ALA D 133 -5.05 -24.00 30.92
CA ALA D 133 -5.98 -22.90 30.70
C ALA D 133 -5.23 -21.59 30.42
N SER D 134 -5.55 -20.98 29.28
CA SER D 134 -4.92 -19.71 28.90
C SER D 134 -5.94 -18.57 28.89
N VAL D 135 -5.74 -17.60 29.77
CA VAL D 135 -6.61 -16.43 29.82
C VAL D 135 -5.94 -15.25 29.14
N VAL D 136 -6.59 -14.68 28.13
CA VAL D 136 -6.00 -13.61 27.35
C VAL D 136 -6.70 -12.28 27.59
N CYS D 137 -5.90 -11.23 27.78
CA CYS D 137 -6.43 -9.88 27.89
C CYS D 137 -5.93 -9.03 26.72
N LEU D 138 -6.85 -8.40 26.01
CA LEU D 138 -6.51 -7.62 24.82
C LEU D 138 -6.57 -6.12 25.08
N LEU D 139 -5.51 -5.42 24.69
CA LEU D 139 -5.48 -3.97 24.71
C LEU D 139 -5.37 -3.46 23.28
N ASN D 140 -6.45 -2.88 22.77
CA ASN D 140 -6.52 -2.58 21.34
C ASN D 140 -6.36 -1.10 21.00
N ASN D 141 -5.42 -0.81 20.11
CA ASN D 141 -5.23 0.53 19.55
C ASN D 141 -5.07 1.64 20.59
N PHE D 142 -3.87 1.78 21.14
CA PHE D 142 -3.62 2.81 22.13
C PHE D 142 -2.28 3.50 21.93
N TYR D 143 -2.12 4.65 22.59
CA TYR D 143 -0.88 5.41 22.56
C TYR D 143 -0.85 6.32 23.78
N PRO D 144 0.32 6.45 24.43
CA PRO D 144 1.63 5.88 24.09
C PRO D 144 1.76 4.39 24.37
N ARG D 145 2.93 3.84 24.07
CA ARG D 145 3.19 2.41 24.18
C ARG D 145 3.05 1.90 25.62
N GLU D 146 3.45 2.73 26.58
CA GLU D 146 3.44 2.34 27.98
C GLU D 146 2.05 1.98 28.48
N ALA D 147 1.90 0.75 28.93
CA ALA D 147 0.63 0.26 29.49
C ALA D 147 0.90 -0.87 30.48
N LYS D 148 0.23 -0.83 31.61
CA LYS D 148 0.45 -1.84 32.65
C LYS D 148 -0.77 -2.73 32.83
N VAL D 149 -0.56 -4.04 32.65
CA VAL D 149 -1.64 -5.00 32.77
C VAL D 149 -1.49 -5.81 34.06
N GLN D 150 -2.51 -5.75 34.91
CA GLN D 150 -2.50 -6.46 36.18
C GLN D 150 -3.56 -7.56 36.21
N TRP D 151 -3.12 -8.79 36.39
CA TRP D 151 -4.04 -9.92 36.47
C TRP D 151 -4.51 -10.15 37.90
N LYS D 152 -5.82 -10.36 38.06
CA LYS D 152 -6.39 -10.65 39.38
C LYS D 152 -7.31 -11.87 39.32
N VAL D 153 -7.01 -12.85 40.16
CA VAL D 153 -7.82 -14.07 40.26
C VAL D 153 -8.47 -14.14 41.64
N ASP D 154 -9.78 -13.87 41.68
CA ASP D 154 -10.51 -13.72 42.94
C ASP D 154 -9.85 -12.65 43.81
N ASN D 155 -9.57 -11.50 43.18
CA ASN D 155 -8.92 -10.37 43.84
C ASN D 155 -7.53 -10.69 44.38
N ALA D 156 -6.92 -11.76 43.89
CA ALA D 156 -5.56 -12.11 44.26
C ALA D 156 -4.61 -11.74 43.12
N LEU D 157 -3.66 -10.85 43.41
CA LEU D 157 -2.72 -10.38 42.39
C LEU D 157 -1.84 -11.51 41.87
N GLN D 158 -1.67 -11.54 40.54
CA GLN D 158 -0.87 -12.58 39.90
C GLN D 158 0.52 -12.06 39.57
N SER D 159 1.49 -12.99 39.51
CA SER D 159 2.86 -12.63 39.22
C SER D 159 3.67 -13.84 38.74
N GLY D 160 4.42 -13.65 37.66
CA GLY D 160 5.30 -14.68 37.13
C GLY D 160 4.57 -15.74 36.33
N ASN D 161 3.30 -15.52 36.06
CA ASN D 161 2.49 -16.49 35.32
C ASN D 161 1.75 -15.87 34.14
N SER D 162 2.35 -14.83 33.55
CA SER D 162 1.76 -14.15 32.40
C SER D 162 2.84 -13.62 31.47
N GLN D 163 2.55 -13.64 30.17
CA GLN D 163 3.47 -13.10 29.17
C GLN D 163 2.74 -12.12 28.27
N GLU D 164 3.42 -11.02 27.93
CA GLU D 164 2.83 -9.99 27.09
C GLU D 164 3.46 -9.94 25.71
N SER D 165 2.64 -9.60 24.71
CA SER D 165 3.13 -9.36 23.36
C SER D 165 2.56 -8.04 22.84
N VAL D 166 3.42 -7.21 22.26
CA VAL D 166 3.02 -5.91 21.76
C VAL D 166 3.27 -5.80 20.27
N THR D 167 2.25 -5.37 19.52
CA THR D 167 2.39 -5.16 18.09
C THR D 167 3.35 -4.01 17.81
N GLU D 168 3.92 -4.01 16.61
CA GLU D 168 4.71 -2.86 16.15
C GLU D 168 3.77 -1.67 16.00
N GLN D 169 4.34 -0.47 16.00
CA GLN D 169 3.54 0.72 15.78
C GLN D 169 2.86 0.63 14.41
N ASP D 170 1.54 0.80 14.40
CA ASP D 170 0.79 0.75 13.16
C ASP D 170 1.23 1.88 12.24
N SER D 171 1.53 1.53 10.99
CA SER D 171 2.08 2.50 10.04
C SER D 171 0.99 3.38 9.41
N LYS D 172 -0.20 3.36 9.99
CA LYS D 172 -1.31 4.15 9.47
C LYS D 172 -1.96 5.02 10.54
N ASP D 173 -2.18 4.47 11.73
CA ASP D 173 -2.79 5.24 12.82
C ASP D 173 -1.85 5.43 14.01
N SER D 174 -0.63 4.91 13.88
CA SER D 174 0.42 5.09 14.88
C SER D 174 0.06 4.58 16.27
N THR D 175 -0.86 3.62 16.34
CA THR D 175 -1.27 3.06 17.62
C THR D 175 -0.56 1.75 17.93
N TYR D 176 -0.68 1.30 19.18
CA TYR D 176 -0.15 0.00 19.59
C TYR D 176 -1.28 -0.90 20.06
N SER D 177 -1.05 -2.20 20.02
CA SER D 177 -1.96 -3.16 20.62
C SER D 177 -1.18 -4.15 21.49
N LEU D 178 -1.84 -4.70 22.50
CA LEU D 178 -1.16 -5.57 23.45
C LEU D 178 -2.02 -6.78 23.80
N SER D 179 -1.37 -7.92 23.98
CA SER D 179 -2.04 -9.13 24.41
C SER D 179 -1.31 -9.78 25.57
N SER D 180 -1.99 -9.89 26.71
CA SER D 180 -1.42 -10.53 27.89
C SER D 180 -2.11 -11.85 28.15
N THR D 181 -1.33 -12.93 28.21
CA THR D 181 -1.90 -14.27 28.38
C THR D 181 -1.62 -14.85 29.76
N LEU D 182 -2.67 -15.04 30.53
CA LEU D 182 -2.56 -15.67 31.85
C LEU D 182 -2.61 -17.19 31.72
N THR D 183 -1.49 -17.85 31.98
CA THR D 183 -1.41 -19.29 31.82
C THR D 183 -1.58 -20.02 33.15
N LEU D 184 -2.67 -20.78 33.26
CA LEU D 184 -2.95 -21.54 34.48
C LEU D 184 -3.15 -23.02 34.15
N SER D 185 -2.89 -23.87 35.13
CA SER D 185 -3.19 -25.29 35.00
C SER D 185 -4.70 -25.47 35.14
N LYS D 186 -5.21 -26.59 34.63
CA LYS D 186 -6.64 -26.87 34.71
C LYS D 186 -7.10 -26.96 36.16
N ALA D 187 -6.24 -27.48 37.02
CA ALA D 187 -6.55 -27.61 38.44
C ALA D 187 -6.68 -26.24 39.10
N ASP D 188 -5.66 -25.40 38.94
CA ASP D 188 -5.65 -24.08 39.52
C ASP D 188 -6.76 -23.19 38.95
N TYR D 189 -7.06 -23.38 37.67
CA TYR D 189 -8.08 -22.58 37.00
C TYR D 189 -9.48 -22.89 37.52
N GLU D 190 -9.78 -24.17 37.70
CA GLU D 190 -11.11 -24.59 38.15
C GLU D 190 -11.29 -24.44 39.65
N LYS D 191 -10.25 -23.99 40.34
CA LYS D 191 -10.33 -23.76 41.78
C LYS D 191 -10.57 -22.30 42.11
N HIS D 192 -10.96 -21.53 41.10
CA HIS D 192 -11.26 -20.12 41.30
C HIS D 192 -12.44 -19.67 40.44
N LYS D 193 -12.90 -18.44 40.64
CA LYS D 193 -14.10 -17.96 39.97
C LYS D 193 -13.89 -16.68 39.17
N VAL D 194 -13.59 -15.58 39.85
CA VAL D 194 -13.49 -14.28 39.21
C VAL D 194 -12.11 -14.03 38.62
N TYR D 195 -12.06 -13.96 37.28
CA TYR D 195 -10.81 -13.64 36.58
C TYR D 195 -10.90 -12.26 35.95
N ALA D 196 -10.10 -11.33 36.46
CA ALA D 196 -10.17 -9.94 36.03
C ALA D 196 -8.86 -9.45 35.43
N CYS D 197 -8.97 -8.51 34.50
CA CYS D 197 -7.80 -7.89 33.88
C CYS D 197 -7.83 -6.38 34.12
N GLU D 198 -6.91 -5.88 34.93
CA GLU D 198 -6.85 -4.46 35.25
C GLU D 198 -5.78 -3.76 34.42
N VAL D 199 -6.17 -2.71 33.71
CA VAL D 199 -5.27 -2.01 32.80
C VAL D 199 -5.09 -0.55 33.19
N THR D 200 -3.84 -0.12 33.32
CA THR D 200 -3.53 1.28 33.60
C THR D 200 -2.85 1.94 32.41
N HIS D 201 -3.49 2.96 31.85
CA HIS D 201 -2.94 3.67 30.70
C HIS D 201 -3.13 5.18 30.86
N GLN D 202 -2.30 5.96 30.16
CA GLN D 202 -2.34 7.41 30.26
C GLN D 202 -3.68 7.98 29.80
N GLY D 203 -4.32 7.29 28.85
CA GLY D 203 -5.61 7.72 28.32
C GLY D 203 -6.76 7.37 29.24
N LEU D 204 -6.47 6.60 30.29
CA LEU D 204 -7.49 6.21 31.25
C LEU D 204 -7.32 6.97 32.57
N SER D 205 -8.33 7.74 32.94
CA SER D 205 -8.30 8.49 34.19
C SER D 205 -8.36 7.55 35.38
N SER D 206 -8.90 6.36 35.15
CA SER D 206 -8.97 5.32 36.17
C SER D 206 -8.78 3.95 35.54
N PRO D 207 -8.09 3.04 36.25
CA PRO D 207 -7.84 1.67 35.76
C PRO D 207 -9.11 0.94 35.33
N VAL D 208 -9.19 0.62 34.04
CA VAL D 208 -10.34 -0.09 33.50
C VAL D 208 -10.18 -1.59 33.69
N THR D 209 -11.21 -2.22 34.26
CA THR D 209 -11.17 -3.65 34.55
C THR D 209 -12.22 -4.44 33.76
N LYS D 210 -11.76 -5.45 33.04
CA LYS D 210 -12.65 -6.40 32.37
C LYS D 210 -12.54 -7.74 33.07
N SER D 211 -13.68 -8.39 33.29
CA SER D 211 -13.69 -9.63 34.06
C SER D 211 -14.78 -10.60 33.65
N PHE D 212 -14.60 -11.86 34.02
CA PHE D 212 -15.61 -12.89 33.79
C PHE D 212 -15.62 -13.88 34.95
N ASN D 213 -16.67 -14.66 35.05
CA ASN D 213 -16.75 -15.72 36.06
C ASN D 213 -16.78 -17.09 35.40
N ARG D 214 -15.94 -18.00 35.90
CA ARG D 214 -15.80 -19.32 35.31
C ARG D 214 -17.11 -20.10 35.31
N GLY D 215 -17.56 -20.50 34.13
CA GLY D 215 -18.78 -21.27 33.98
C GLY D 215 -19.97 -20.43 33.54
N GLU D 216 -20.03 -19.20 34.04
CA GLU D 216 -21.15 -18.32 33.76
C GLU D 216 -21.08 -17.76 32.34
N CYS D 217 -22.24 -17.71 31.68
CA CYS D 217 -22.33 -17.25 30.30
C CYS D 217 -22.40 -15.73 30.23
N ALA E 5 41.30 -3.83 -31.85
CA ALA E 5 40.78 -3.19 -30.66
C ALA E 5 41.89 -2.49 -29.87
N ALA E 6 42.44 -1.44 -30.47
CA ALA E 6 43.53 -0.69 -29.85
C ALA E 6 43.06 0.06 -28.61
N LEU E 7 42.02 0.88 -28.78
CA LEU E 7 41.49 1.67 -27.68
C LEU E 7 40.72 0.80 -26.69
N GLU E 8 40.04 -0.22 -27.21
CA GLU E 8 39.27 -1.13 -26.38
C GLU E 8 40.19 -1.93 -25.47
N GLU E 9 41.43 -2.12 -25.90
CA GLU E 9 42.44 -2.79 -25.10
C GLU E 9 42.75 -2.00 -23.83
N LEU E 10 42.81 -0.67 -23.97
CA LEU E 10 43.08 0.20 -22.84
C LEU E 10 41.97 0.15 -21.79
N VAL E 11 40.74 -0.07 -22.25
CA VAL E 11 39.59 -0.17 -21.36
C VAL E 11 39.69 -1.43 -20.50
N LYS E 12 39.99 -2.55 -21.13
CA LYS E 12 40.13 -3.81 -20.43
C LYS E 12 41.32 -3.78 -19.48
N LEU E 13 42.46 -3.30 -19.97
CA LEU E 13 43.68 -3.21 -19.17
C LEU E 13 43.48 -2.36 -17.92
N GLN E 14 42.76 -1.25 -18.06
CA GLN E 14 42.50 -0.37 -16.94
C GLN E 14 41.53 -1.01 -15.96
N GLY E 15 40.45 -1.60 -16.50
CA GLY E 15 39.47 -2.27 -15.68
C GLY E 15 40.02 -3.51 -15.00
N GLU E 16 41.11 -4.04 -15.53
CA GLU E 16 41.74 -5.23 -14.96
C GLU E 16 42.34 -4.95 -13.59
N ARG E 17 43.08 -3.85 -13.47
CA ARG E 17 43.76 -3.54 -12.22
C ARG E 17 42.97 -2.54 -11.37
N VAL E 18 41.81 -2.13 -11.87
CA VAL E 18 40.82 -1.50 -11.01
C VAL E 18 40.28 -2.60 -10.11
N ARG E 19 40.01 -3.75 -10.71
CA ARG E 19 39.68 -4.97 -9.99
C ARG E 19 40.87 -5.41 -9.15
N GLY E 20 42.07 -5.22 -9.69
CA GLY E 20 43.29 -5.58 -8.99
C GLY E 20 43.39 -4.90 -7.64
N LEU E 21 43.24 -3.58 -7.62
CA LEU E 21 43.34 -2.81 -6.40
C LEU E 21 42.13 -3.02 -5.48
N LYS E 22 41.10 -3.68 -6.00
CA LYS E 22 39.99 -4.11 -5.15
C LYS E 22 40.42 -5.31 -4.31
N GLN E 23 41.21 -6.19 -4.91
CA GLN E 23 41.71 -7.38 -4.21
C GLN E 23 42.89 -7.07 -3.31
N GLN E 24 43.49 -5.90 -3.50
CA GLN E 24 44.64 -5.51 -2.67
C GLN E 24 44.19 -4.76 -1.42
N LYS E 25 42.89 -4.48 -1.36
CA LYS E 25 42.31 -3.70 -0.26
C LYS E 25 43.01 -2.35 -0.15
N ALA E 26 43.32 -1.75 -1.31
CA ALA E 26 44.00 -0.47 -1.37
C ALA E 26 43.14 0.65 -0.77
N SER E 27 43.78 1.77 -0.48
CA SER E 27 43.10 2.90 0.15
C SER E 27 41.95 3.43 -0.70
N ALA E 28 41.00 4.09 -0.03
CA ALA E 28 39.76 4.53 -0.68
C ALA E 28 39.99 5.53 -1.80
N GLU E 29 40.92 6.45 -1.60
CA GLU E 29 41.21 7.48 -2.61
C GLU E 29 41.74 6.86 -3.89
N LEU E 30 42.52 5.79 -3.75
CA LEU E 30 43.17 5.14 -4.89
C LEU E 30 42.17 4.52 -5.85
N ILE E 31 41.08 4.00 -5.31
CA ILE E 31 40.02 3.40 -6.14
C ILE E 31 39.37 4.47 -7.00
N GLU E 32 39.10 5.63 -6.42
CA GLU E 32 38.51 6.75 -7.13
C GLU E 32 39.31 7.15 -8.36
N GLU E 33 40.63 7.22 -8.19
CA GLU E 33 41.52 7.63 -9.27
C GLU E 33 41.45 6.66 -10.44
N GLU E 34 41.58 5.37 -10.15
CA GLU E 34 41.61 4.34 -11.18
C GLU E 34 40.25 4.16 -11.86
N VAL E 35 39.18 4.37 -11.10
CA VAL E 35 37.83 4.33 -11.68
C VAL E 35 37.62 5.54 -12.59
N ALA E 36 38.13 6.68 -12.15
CA ALA E 36 38.05 7.91 -12.94
C ALA E 36 38.80 7.77 -14.26
N LYS E 37 39.93 7.07 -14.22
CA LYS E 37 40.69 6.80 -15.43
C LYS E 37 39.88 5.94 -16.39
N LEU E 38 39.22 4.92 -15.85
CA LEU E 38 38.36 4.05 -16.65
C LEU E 38 37.23 4.84 -17.27
N LEU E 39 36.52 5.60 -16.45
CA LEU E 39 35.41 6.43 -16.90
C LEU E 39 35.87 7.48 -17.91
N LYS E 40 37.10 7.97 -17.74
CA LYS E 40 37.70 8.87 -18.71
C LYS E 40 37.88 8.16 -20.04
N LEU E 41 38.33 6.91 -19.97
CA LEU E 41 38.53 6.11 -21.17
C LEU E 41 37.23 5.51 -21.67
N LYS E 42 36.18 5.60 -20.86
CA LYS E 42 34.86 5.13 -21.27
C LYS E 42 34.27 6.04 -22.34
N ALA E 43 34.51 7.34 -22.20
CA ALA E 43 33.98 8.32 -23.14
C ALA E 43 34.58 8.14 -24.54
N GLN E 44 35.83 7.67 -24.58
CA GLN E 44 36.51 7.46 -25.84
C GLN E 44 36.02 6.20 -26.53
N GLN F 1 13.49 -6.02 -14.31
CA GLN F 1 13.49 -5.74 -12.87
C GLN F 1 14.58 -6.53 -12.16
N VAL F 2 15.41 -5.82 -11.40
CA VAL F 2 16.47 -6.46 -10.63
C VAL F 2 15.87 -7.19 -9.44
N GLN F 3 16.16 -8.48 -9.33
CA GLN F 3 15.64 -9.29 -8.23
C GLN F 3 16.69 -10.21 -7.65
N LEU F 4 16.75 -10.26 -6.32
CA LEU F 4 17.60 -11.23 -5.63
C LEU F 4 16.70 -12.21 -4.88
N GLN F 5 16.71 -13.45 -5.34
CA GLN F 5 15.79 -14.46 -4.84
C GLN F 5 16.50 -15.49 -3.96
N GLN F 6 16.20 -15.47 -2.67
CA GLN F 6 16.89 -16.33 -1.70
C GLN F 6 16.13 -17.61 -1.39
N SER F 7 16.86 -18.62 -0.96
CA SER F 7 16.27 -19.91 -0.60
C SER F 7 15.46 -19.82 0.70
N GLY F 8 14.70 -20.86 0.99
CA GLY F 8 13.76 -20.84 2.10
C GLY F 8 14.35 -20.95 3.49
N ALA F 9 13.48 -20.84 4.50
CA ALA F 9 13.88 -20.89 5.90
C ALA F 9 14.56 -22.22 6.24
N GLU F 10 15.51 -22.15 7.17
CA GLU F 10 16.29 -23.33 7.53
C GLU F 10 16.21 -23.63 9.03
N LEU F 11 15.90 -24.88 9.34
CA LEU F 11 15.96 -25.38 10.71
C LEU F 11 17.06 -26.43 10.80
N VAL F 12 18.14 -26.10 11.48
CA VAL F 12 19.31 -26.96 11.53
C VAL F 12 19.83 -27.17 12.95
N ARG F 13 20.56 -28.26 13.15
CA ARG F 13 21.04 -28.63 14.48
C ARG F 13 22.42 -28.03 14.74
N PRO F 14 22.75 -27.79 16.02
CA PRO F 14 24.05 -27.25 16.42
C PRO F 14 25.22 -28.12 15.95
N GLY F 15 26.30 -27.47 15.50
CA GLY F 15 27.49 -28.18 15.08
C GLY F 15 27.45 -28.64 13.64
N SER F 16 26.33 -28.38 12.98
CA SER F 16 26.17 -28.78 11.57
C SER F 16 26.50 -27.63 10.63
N SER F 17 26.24 -27.85 9.35
CA SER F 17 26.49 -26.84 8.33
C SER F 17 25.24 -26.57 7.50
N VAL F 18 25.09 -25.34 7.02
CA VAL F 18 23.94 -24.99 6.19
C VAL F 18 24.38 -24.14 5.00
N ARG F 19 23.72 -24.35 3.86
CA ARG F 19 24.06 -23.64 2.63
C ARG F 19 22.82 -22.99 2.04
N MET F 20 22.86 -21.66 1.92
CA MET F 20 21.74 -20.92 1.36
C MET F 20 22.13 -20.29 0.02
N SER F 21 21.14 -20.07 -0.84
CA SER F 21 21.41 -19.58 -2.19
C SER F 21 20.80 -18.19 -2.44
N CYS F 22 21.38 -17.48 -3.40
CA CYS F 22 20.89 -16.16 -3.79
C CYS F 22 20.84 -16.03 -5.32
N LYS F 23 19.65 -16.18 -5.88
CA LYS F 23 19.45 -16.08 -7.32
C LYS F 23 19.32 -14.62 -7.76
N ALA F 24 20.20 -14.19 -8.66
CA ALA F 24 20.23 -12.80 -9.09
C ALA F 24 19.83 -12.66 -10.56
N VAL F 25 18.77 -11.88 -10.81
CA VAL F 25 18.29 -11.64 -12.16
C VAL F 25 18.05 -10.15 -12.40
N GLY F 26 17.91 -9.78 -13.67
CA GLY F 26 17.57 -8.41 -14.03
C GLY F 26 18.76 -7.53 -14.34
N TYR F 27 19.95 -8.11 -14.28
CA TYR F 27 21.18 -7.38 -14.56
C TYR F 27 22.33 -8.33 -14.88
N THR F 28 23.44 -7.79 -15.37
CA THR F 28 24.61 -8.61 -15.67
C THR F 28 25.28 -9.07 -14.39
N PHE F 29 25.18 -10.37 -14.12
CA PHE F 29 25.63 -10.98 -12.87
C PHE F 29 27.07 -10.64 -12.49
N THR F 30 27.97 -10.67 -13.48
CA THR F 30 29.39 -10.53 -13.22
C THR F 30 29.89 -9.09 -13.20
N ASP F 31 28.96 -8.13 -13.24
CA ASP F 31 29.34 -6.72 -13.22
C ASP F 31 29.24 -6.10 -11.83
N TYR F 32 28.60 -6.82 -10.91
CA TYR F 32 28.38 -6.31 -9.56
C TYR F 32 28.86 -7.28 -8.49
N CYS F 33 29.25 -6.74 -7.34
CA CYS F 33 29.51 -7.56 -6.17
C CYS F 33 28.20 -7.77 -5.40
N ILE F 34 28.09 -8.89 -4.70
CA ILE F 34 26.92 -9.15 -3.88
C ILE F 34 27.32 -9.30 -2.41
N GLY F 35 26.67 -8.52 -1.55
CA GLY F 35 26.96 -8.56 -0.14
C GLY F 35 26.02 -9.47 0.63
N TRP F 36 26.53 -10.04 1.72
CA TRP F 36 25.72 -10.86 2.62
C TRP F 36 25.64 -10.19 3.98
N ILE F 37 24.43 -10.10 4.52
CA ILE F 37 24.20 -9.34 5.75
C ILE F 37 23.48 -10.17 6.81
N LYS F 38 24.00 -10.11 8.03
CA LYS F 38 23.42 -10.86 9.15
C LYS F 38 22.60 -9.95 10.07
N GLN F 39 21.37 -10.37 10.36
CA GLN F 39 20.50 -9.59 11.23
C GLN F 39 20.01 -10.40 12.44
N ARG F 40 20.44 -9.98 13.62
CA ARG F 40 19.97 -10.58 14.87
C ARG F 40 19.19 -9.57 15.69
N PRO F 41 18.16 -10.03 16.41
CA PRO F 41 17.44 -9.18 17.36
C PRO F 41 18.37 -8.69 18.47
N GLY F 42 18.72 -7.40 18.43
CA GLY F 42 19.61 -6.82 19.44
C GLY F 42 21.04 -6.70 18.95
N HIS F 43 21.25 -6.88 17.65
CA HIS F 43 22.57 -6.80 17.06
C HIS F 43 22.56 -6.02 15.74
N GLY F 44 21.40 -5.49 15.37
CA GLY F 44 21.26 -4.69 14.17
C GLY F 44 21.65 -5.41 12.89
N LEU F 45 22.49 -4.76 12.09
CA LEU F 45 22.97 -5.34 10.84
C LEU F 45 24.48 -5.53 10.87
N GLU F 46 24.94 -6.66 10.33
CA GLU F 46 26.36 -6.98 10.31
C GLU F 46 26.77 -7.49 8.93
N TRP F 47 27.83 -6.92 8.38
CA TRP F 47 28.31 -7.32 7.06
C TRP F 47 29.16 -8.58 7.15
N ILE F 48 28.73 -9.63 6.45
CA ILE F 48 29.43 -10.90 6.47
C ILE F 48 30.56 -10.95 5.44
N GLY F 49 30.25 -10.55 4.21
CA GLY F 49 31.22 -10.57 3.15
C GLY F 49 30.62 -10.25 1.80
N ASP F 50 31.48 -10.02 0.81
CA ASP F 50 31.03 -9.76 -0.55
C ASP F 50 31.51 -10.86 -1.49
N ILE F 51 30.67 -11.21 -2.46
CA ILE F 51 31.08 -12.12 -3.52
C ILE F 51 31.08 -11.36 -4.85
N CYS F 52 32.15 -11.50 -5.62
CA CYS F 52 32.27 -10.80 -6.89
C CYS F 52 32.41 -11.81 -8.04
N PRO F 53 31.27 -12.21 -8.62
CA PRO F 53 31.17 -13.23 -9.68
C PRO F 53 32.02 -12.94 -10.91
N GLY F 54 32.17 -13.94 -11.77
CA GLY F 54 33.05 -13.85 -12.92
C GLY F 54 34.39 -14.50 -12.57
N ASP F 55 35.45 -13.70 -12.59
CA ASP F 55 36.71 -14.14 -12.04
C ASP F 55 36.61 -14.03 -10.52
N ALA F 56 35.95 -15.01 -9.92
CA ALA F 56 35.45 -14.93 -8.55
C ALA F 56 36.50 -14.59 -7.49
N TYR F 57 36.23 -13.53 -6.75
CA TYR F 57 36.98 -13.21 -5.54
C TYR F 57 36.03 -12.67 -4.48
N THR F 58 36.48 -12.61 -3.23
CA THR F 58 35.62 -12.16 -2.15
C THR F 58 36.23 -11.03 -1.32
N ASN F 59 35.36 -10.19 -0.78
CA ASN F 59 35.75 -9.23 0.24
C ASN F 59 35.38 -9.80 1.60
N ASP F 60 36.40 -10.07 2.43
CA ASP F 60 36.19 -10.86 3.63
C ASP F 60 36.05 -10.05 4.91
N ASN F 61 35.23 -10.55 5.83
CA ASN F 61 35.16 -10.05 7.19
C ASN F 61 35.84 -11.07 8.11
N GLU F 62 36.88 -10.64 8.79
CA GLU F 62 37.69 -11.55 9.61
C GLU F 62 36.92 -12.19 10.76
N LYS F 63 35.80 -11.56 11.15
CA LYS F 63 34.96 -12.11 12.21
C LYS F 63 34.17 -13.32 11.71
N PHE F 64 34.12 -13.50 10.40
CA PHE F 64 33.43 -14.64 9.79
C PHE F 64 34.39 -15.51 8.98
N LYS F 65 35.65 -15.57 9.40
CA LYS F 65 36.69 -16.25 8.63
C LYS F 65 36.37 -17.72 8.37
N ASP F 66 36.13 -18.49 9.44
CA ASP F 66 35.82 -19.90 9.30
C ASP F 66 34.33 -20.17 9.44
N LYS F 67 33.56 -19.13 9.74
CA LYS F 67 32.12 -19.26 9.91
C LYS F 67 31.39 -19.30 8.57
N ALA F 68 31.68 -18.34 7.71
CA ALA F 68 31.00 -18.23 6.42
C ALA F 68 31.94 -18.46 5.24
N THR F 69 31.40 -19.05 4.18
CA THR F 69 32.15 -19.26 2.95
C THR F 69 31.32 -18.83 1.75
N LEU F 70 31.83 -17.87 0.99
CA LEU F 70 31.08 -17.30 -0.12
C LEU F 70 31.54 -17.84 -1.48
N THR F 71 30.59 -18.40 -2.23
CA THR F 71 30.88 -18.86 -3.58
C THR F 71 29.81 -18.35 -4.55
N ALA F 72 30.00 -18.61 -5.83
CA ALA F 72 29.04 -18.18 -6.85
C ALA F 72 29.06 -19.09 -8.06
N ASP F 73 27.92 -19.17 -8.73
CA ASP F 73 27.82 -19.89 -9.99
C ASP F 73 27.40 -18.92 -11.10
N THR F 74 28.34 -18.65 -12.00
CA THR F 74 28.12 -17.65 -13.05
C THR F 74 26.99 -18.03 -14.00
N SER F 75 27.00 -19.29 -14.44
CA SER F 75 26.02 -19.76 -15.41
C SER F 75 24.59 -19.66 -14.90
N SER F 76 24.39 -19.94 -13.62
CA SER F 76 23.06 -19.89 -13.02
C SER F 76 22.80 -18.56 -12.31
N THR F 77 23.79 -17.67 -12.36
CA THR F 77 23.73 -16.36 -11.69
C THR F 77 23.27 -16.50 -10.24
N THR F 78 23.86 -17.42 -9.52
CA THR F 78 23.47 -17.71 -8.14
C THR F 78 24.64 -17.60 -7.17
N ALA F 79 24.47 -16.80 -6.12
CA ALA F 79 25.46 -16.69 -5.07
C ALA F 79 25.10 -17.60 -3.90
N TYR F 80 26.11 -18.27 -3.34
CA TYR F 80 25.89 -19.19 -2.23
C TYR F 80 26.67 -18.76 -0.98
N MET F 81 26.06 -18.97 0.19
CA MET F 81 26.78 -18.79 1.44
C MET F 81 26.61 -20.01 2.33
N GLN F 82 27.73 -20.57 2.77
CA GLN F 82 27.70 -21.73 3.65
C GLN F 82 28.12 -21.34 5.07
N LEU F 83 27.26 -21.65 6.04
CA LEU F 83 27.58 -21.41 7.44
C LEU F 83 27.88 -22.74 8.12
N SER F 84 29.02 -22.82 8.79
CA SER F 84 29.45 -24.07 9.43
C SER F 84 29.66 -23.89 10.93
N SER F 85 29.77 -25.01 11.65
CA SER F 85 29.94 -25.02 13.10
C SER F 85 28.85 -24.18 13.76
N LEU F 86 27.60 -24.45 13.40
CA LEU F 86 26.47 -23.62 13.79
C LEU F 86 26.18 -23.65 15.29
N THR F 87 26.01 -22.46 15.86
CA THR F 87 25.58 -22.31 17.25
C THR F 87 24.33 -21.44 17.27
N SER F 88 23.80 -21.19 18.47
CA SER F 88 22.62 -20.35 18.62
C SER F 88 22.91 -18.92 18.17
N GLU F 89 24.18 -18.53 18.23
CA GLU F 89 24.60 -17.19 17.80
C GLU F 89 24.41 -17.00 16.29
N ASP F 90 24.26 -18.11 15.57
CA ASP F 90 24.10 -18.08 14.14
C ASP F 90 22.62 -18.01 13.73
N SER F 91 21.74 -18.14 14.71
CA SER F 91 20.31 -17.98 14.46
C SER F 91 20.00 -16.53 14.11
N ALA F 92 19.68 -16.30 12.85
CA ALA F 92 19.47 -14.95 12.34
C ALA F 92 18.78 -14.96 10.99
N ILE F 93 18.45 -13.77 10.49
CA ILE F 93 18.00 -13.61 9.12
C ILE F 93 19.18 -13.14 8.28
N TYR F 94 19.39 -13.80 7.15
CA TYR F 94 20.52 -13.48 6.29
C TYR F 94 20.07 -12.96 4.93
N TYR F 95 20.45 -11.73 4.63
CA TYR F 95 20.10 -11.11 3.35
C TYR F 95 21.29 -11.11 2.40
N CYS F 96 21.00 -11.26 1.11
CA CYS F 96 21.97 -10.94 0.07
C CYS F 96 21.53 -9.63 -0.56
N ALA F 97 22.49 -8.84 -1.02
CA ALA F 97 22.17 -7.54 -1.60
C ALA F 97 23.21 -7.13 -2.63
N ARG F 98 22.74 -6.62 -3.77
CA ARG F 98 23.66 -6.17 -4.82
C ARG F 98 24.41 -4.92 -4.38
N GLY F 99 25.74 -5.00 -4.41
CA GLY F 99 26.57 -3.90 -3.98
C GLY F 99 27.22 -3.17 -5.15
N GLU F 100 28.47 -2.78 -4.95
CA GLU F 100 29.22 -1.97 -5.91
C GLU F 100 29.39 -2.65 -7.26
N GLU F 101 29.66 -1.85 -8.29
CA GLU F 101 30.12 -2.37 -9.56
C GLU F 101 31.54 -2.85 -9.40
N GLN F 102 31.87 -3.99 -10.01
CA GLN F 102 33.18 -4.61 -9.82
C GLN F 102 34.33 -3.72 -10.30
N VAL F 103 34.05 -2.90 -11.31
CA VAL F 103 35.06 -1.96 -11.81
C VAL F 103 34.64 -0.52 -11.56
N GLY F 104 33.74 -0.34 -10.60
CA GLY F 104 33.26 0.99 -10.26
C GLY F 104 33.62 1.41 -8.84
N LEU F 105 33.09 2.55 -8.42
CA LEU F 105 33.37 3.09 -7.09
C LEU F 105 32.79 2.21 -5.99
N ARG F 106 33.29 2.40 -4.76
CA ARG F 106 32.68 1.79 -3.60
C ARG F 106 31.25 2.31 -3.48
N ASN F 107 30.33 1.43 -3.10
CA ASN F 107 28.92 1.78 -3.16
C ASN F 107 28.10 1.17 -2.02
N ALA F 108 26.84 1.55 -1.95
CA ALA F 108 25.91 0.97 -0.99
C ALA F 108 25.32 -0.32 -1.56
N MET F 109 24.23 -0.78 -0.95
CA MET F 109 23.53 -1.97 -1.43
C MET F 109 22.07 -1.62 -1.69
N ASP F 110 21.69 -1.60 -2.97
CA ASP F 110 20.40 -1.05 -3.39
C ASP F 110 19.29 -2.10 -3.49
N TYR F 111 19.57 -3.22 -4.13
CA TYR F 111 18.58 -4.28 -4.28
C TYR F 111 18.82 -5.42 -3.29
N TRP F 112 17.81 -5.69 -2.47
CA TRP F 112 17.93 -6.67 -1.39
C TRP F 112 17.07 -7.89 -1.61
N GLY F 113 17.53 -9.04 -1.12
CA GLY F 113 16.72 -10.24 -1.09
C GLY F 113 15.78 -10.19 0.10
N GLN F 114 14.78 -11.06 0.09
CA GLN F 114 13.78 -11.07 1.17
C GLN F 114 14.32 -11.71 2.43
N GLY F 115 15.53 -12.24 2.36
CA GLY F 115 16.19 -12.79 3.53
C GLY F 115 15.91 -14.25 3.77
N THR F 116 16.89 -14.95 4.34
CA THR F 116 16.72 -16.34 4.73
C THR F 116 16.92 -16.50 6.23
N SER F 117 15.87 -16.94 6.91
CA SER F 117 15.93 -17.14 8.35
C SER F 117 16.56 -18.49 8.67
N VAL F 118 17.60 -18.47 9.48
CA VAL F 118 18.25 -19.70 9.92
C VAL F 118 18.02 -19.93 11.40
N THR F 119 17.42 -21.08 11.73
CA THR F 119 17.21 -21.43 13.12
C THR F 119 18.12 -22.59 13.54
N VAL F 120 19.01 -22.32 14.48
CA VAL F 120 19.90 -23.36 14.99
C VAL F 120 19.31 -23.93 16.27
N SER F 121 18.80 -25.15 16.18
CA SER F 121 18.15 -25.80 17.31
C SER F 121 18.18 -27.31 17.20
N SER F 122 18.20 -27.99 18.34
CA SER F 122 18.14 -29.44 18.37
C SER F 122 16.74 -29.88 18.79
N ALA F 123 15.84 -28.91 18.91
CA ALA F 123 14.46 -29.19 19.27
C ALA F 123 13.66 -29.66 18.06
N SER F 124 12.68 -30.52 18.32
CA SER F 124 11.89 -31.11 17.24
C SER F 124 10.81 -30.16 16.72
N THR F 125 10.36 -30.41 15.50
CA THR F 125 9.28 -29.65 14.91
C THR F 125 7.95 -29.99 15.59
N LYS F 126 7.14 -28.99 15.87
CA LYS F 126 5.84 -29.21 16.49
C LYS F 126 4.77 -28.28 15.92
N GLY F 127 3.67 -28.85 15.47
CA GLY F 127 2.54 -28.07 15.00
C GLY F 127 1.78 -27.44 16.14
N PRO F 128 1.06 -26.35 15.86
CA PRO F 128 0.34 -25.60 16.89
C PRO F 128 -1.05 -26.14 17.19
N SER F 129 -1.57 -25.79 18.38
CA SER F 129 -2.96 -26.05 18.71
C SER F 129 -3.73 -24.75 18.66
N VAL F 130 -4.81 -24.72 17.88
CA VAL F 130 -5.58 -23.50 17.69
C VAL F 130 -6.85 -23.49 18.52
N PHE F 131 -6.96 -22.53 19.42
CA PHE F 131 -8.13 -22.41 20.29
C PHE F 131 -8.85 -21.09 20.02
N PRO F 132 -10.19 -21.11 20.09
CA PRO F 132 -10.98 -19.92 19.81
C PRO F 132 -10.96 -18.90 20.94
N LEU F 133 -10.77 -17.63 20.60
CA LEU F 133 -10.97 -16.53 21.53
C LEU F 133 -12.38 -16.00 21.35
N ALA F 134 -13.35 -16.66 21.97
CA ALA F 134 -14.77 -16.41 21.75
C ALA F 134 -15.17 -14.99 22.14
N PRO F 135 -16.00 -14.35 21.31
CA PRO F 135 -16.49 -12.99 21.57
C PRO F 135 -17.35 -12.93 22.83
N SER F 136 -17.20 -11.84 23.58
CA SER F 136 -17.96 -11.67 24.82
C SER F 136 -19.46 -11.54 24.54
N SER F 137 -20.25 -12.22 25.35
CA SER F 137 -21.71 -12.12 25.25
C SER F 137 -22.18 -10.77 25.81
N LYS F 138 -21.27 -10.07 26.48
CA LYS F 138 -21.56 -8.77 27.05
C LYS F 138 -21.20 -7.66 26.06
N SER F 139 -20.96 -8.03 24.81
CA SER F 139 -20.61 -7.07 23.76
C SER F 139 -21.70 -6.02 23.61
N THR F 140 -21.29 -4.75 23.61
CA THR F 140 -22.22 -3.63 23.55
C THR F 140 -23.03 -3.63 22.25
N SER F 141 -24.35 -3.52 22.40
CA SER F 141 -25.26 -3.53 21.26
C SER F 141 -24.99 -2.36 20.32
N GLY F 142 -24.83 -2.67 19.04
CA GLY F 142 -24.57 -1.65 18.03
C GLY F 142 -23.14 -1.14 18.09
N GLY F 143 -22.33 -1.77 18.94
CA GLY F 143 -20.96 -1.36 19.12
C GLY F 143 -19.96 -2.30 18.48
N THR F 144 -18.80 -2.44 19.11
CA THR F 144 -17.72 -3.26 18.57
C THR F 144 -17.37 -4.43 19.49
N ALA F 145 -17.30 -5.62 18.91
CA ALA F 145 -16.91 -6.82 19.67
C ALA F 145 -15.55 -7.32 19.18
N ALA F 146 -14.85 -8.03 20.05
CA ALA F 146 -13.54 -8.57 19.71
C ALA F 146 -13.50 -10.09 19.84
N LEU F 147 -12.90 -10.75 18.85
CA LEU F 147 -12.71 -12.19 18.88
C LEU F 147 -11.36 -12.52 18.27
N GLY F 148 -10.95 -13.78 18.37
CA GLY F 148 -9.68 -14.19 17.81
C GLY F 148 -9.35 -15.66 17.94
N CYS F 149 -8.09 -15.99 17.69
CA CYS F 149 -7.62 -17.37 17.80
C CYS F 149 -6.32 -17.43 18.60
N LEU F 150 -6.20 -18.46 19.44
CA LEU F 150 -4.97 -18.69 20.18
C LEU F 150 -4.15 -19.76 19.47
N VAL F 151 -2.97 -19.38 18.99
CA VAL F 151 -2.08 -20.31 18.33
C VAL F 151 -0.97 -20.72 19.29
N LYS F 152 -1.11 -21.90 19.90
CA LYS F 152 -0.29 -22.28 21.04
C LYS F 152 0.62 -23.48 20.79
N ASP F 153 1.81 -23.43 21.39
CA ASP F 153 2.74 -24.56 21.42
C ASP F 153 3.19 -25.05 20.04
N TYR F 154 4.01 -24.27 19.37
CA TYR F 154 4.58 -24.71 18.10
C TYR F 154 6.07 -24.41 18.00
N PHE F 155 6.75 -25.17 17.14
CA PHE F 155 8.17 -24.98 16.87
C PHE F 155 8.51 -25.53 15.49
N PRO F 156 9.29 -24.78 14.71
CA PRO F 156 9.80 -23.46 15.08
C PRO F 156 8.88 -22.32 14.66
N GLU F 157 9.49 -21.16 14.43
CA GLU F 157 8.80 -20.03 13.85
C GLU F 157 8.89 -20.06 12.32
N PRO F 158 7.93 -19.43 11.64
CA PRO F 158 6.75 -18.76 12.18
C PRO F 158 5.44 -19.49 11.89
N VAL F 159 4.34 -18.93 12.37
CA VAL F 159 3.02 -19.32 11.90
C VAL F 159 2.39 -18.09 11.25
N THR F 160 1.62 -18.31 10.19
CA THR F 160 0.90 -17.22 9.56
C THR F 160 -0.59 -17.36 9.85
N VAL F 161 -1.24 -16.23 10.10
CA VAL F 161 -2.68 -16.23 10.37
C VAL F 161 -3.40 -15.24 9.48
N SER F 162 -4.44 -15.72 8.81
CA SER F 162 -5.33 -14.85 8.06
C SER F 162 -6.76 -15.09 8.51
N TRP F 163 -7.68 -14.21 8.10
CA TRP F 163 -9.08 -14.36 8.49
C TRP F 163 -9.97 -14.44 7.25
N ASN F 164 -10.81 -15.47 7.22
CA ASN F 164 -11.69 -15.73 6.09
C ASN F 164 -10.93 -15.77 4.77
N SER F 165 -9.86 -16.57 4.75
CA SER F 165 -9.02 -16.76 3.57
C SER F 165 -8.41 -15.46 3.06
N GLY F 166 -8.14 -14.53 3.98
CA GLY F 166 -7.48 -13.29 3.64
C GLY F 166 -8.42 -12.17 3.25
N ALA F 167 -9.72 -12.46 3.19
CA ALA F 167 -10.72 -11.47 2.79
C ALA F 167 -10.95 -10.45 3.90
N LEU F 168 -10.87 -10.89 5.15
CA LEU F 168 -11.03 -10.01 6.29
C LEU F 168 -9.67 -9.54 6.81
N THR F 169 -9.36 -8.26 6.62
CA THR F 169 -8.06 -7.73 6.99
C THR F 169 -8.18 -6.54 7.96
N SER F 170 -9.26 -5.78 7.83
CA SER F 170 -9.46 -4.60 8.67
C SER F 170 -9.73 -4.98 10.12
N GLY F 171 -9.02 -4.33 11.04
CA GLY F 171 -9.21 -4.58 12.46
C GLY F 171 -8.44 -5.77 12.98
N VAL F 172 -7.68 -6.42 12.10
CA VAL F 172 -6.92 -7.61 12.47
C VAL F 172 -5.57 -7.24 13.10
N HIS F 173 -5.28 -7.84 14.26
CA HIS F 173 -3.99 -7.70 14.89
C HIS F 173 -3.40 -9.08 15.20
N THR F 174 -2.34 -9.45 14.51
CA THR F 174 -1.64 -10.70 14.78
C THR F 174 -0.37 -10.40 15.57
N PHE F 175 -0.38 -10.79 16.84
CA PHE F 175 0.71 -10.44 17.76
C PHE F 175 1.97 -11.27 17.53
N PRO F 176 3.13 -10.65 17.76
CA PRO F 176 4.41 -11.37 17.73
C PRO F 176 4.43 -12.54 18.70
N ALA F 177 5.05 -13.64 18.29
CA ALA F 177 5.08 -14.84 19.12
C ALA F 177 5.94 -14.63 20.37
N VAL F 178 5.49 -15.20 21.49
CA VAL F 178 6.27 -15.19 22.71
C VAL F 178 6.87 -16.56 22.95
N LEU F 179 8.12 -16.58 23.41
CA LEU F 179 8.80 -17.84 23.71
C LEU F 179 8.43 -18.32 25.10
N GLN F 180 7.60 -19.35 25.16
CA GLN F 180 7.16 -19.91 26.43
C GLN F 180 8.31 -20.65 27.12
N SER F 181 8.14 -20.93 28.41
CA SER F 181 9.17 -21.60 29.20
C SER F 181 9.38 -23.05 28.75
N SER F 182 8.42 -23.57 27.98
CA SER F 182 8.50 -24.94 27.47
C SER F 182 9.38 -25.02 26.24
N GLY F 183 9.90 -23.88 25.80
CA GLY F 183 10.74 -23.83 24.61
C GLY F 183 9.91 -23.77 23.35
N LEU F 184 8.60 -23.69 23.51
CA LEU F 184 7.68 -23.60 22.38
C LEU F 184 7.10 -22.20 22.24
N TYR F 185 6.72 -21.84 21.02
CA TYR F 185 6.17 -20.51 20.77
C TYR F 185 4.65 -20.50 20.91
N SER F 186 4.10 -19.30 21.01
CA SER F 186 2.66 -19.11 21.10
C SER F 186 2.30 -17.66 20.81
N LEU F 187 1.23 -17.46 20.03
CA LEU F 187 0.76 -16.11 19.75
C LEU F 187 -0.76 -16.05 19.67
N SER F 188 -1.28 -14.83 19.56
CA SER F 188 -2.70 -14.63 19.34
C SER F 188 -2.92 -13.81 18.09
N SER F 189 -4.12 -13.90 17.53
CA SER F 189 -4.52 -13.07 16.41
C SER F 189 -5.97 -12.66 16.61
N VAL F 190 -6.20 -11.37 16.79
CA VAL F 190 -7.54 -10.87 17.10
C VAL F 190 -8.09 -9.98 16.00
N VAL F 191 -9.40 -9.76 16.05
CA VAL F 191 -10.07 -8.89 15.09
C VAL F 191 -11.31 -8.27 15.73
N THR F 192 -11.52 -6.98 15.47
CA THR F 192 -12.69 -6.28 15.99
C THR F 192 -13.81 -6.27 14.95
N VAL F 193 -14.98 -6.75 15.35
CA VAL F 193 -16.12 -6.87 14.45
C VAL F 193 -17.36 -6.20 15.04
N PRO F 194 -18.35 -5.89 14.20
CA PRO F 194 -19.61 -5.37 14.74
C PRO F 194 -20.31 -6.38 15.65
N SER F 195 -20.87 -5.91 16.76
CA SER F 195 -21.58 -6.78 17.69
C SER F 195 -22.81 -7.41 17.03
N SER F 196 -23.39 -6.69 16.08
CA SER F 196 -24.59 -7.16 15.40
C SER F 196 -24.31 -8.30 14.43
N SER F 197 -23.02 -8.59 14.21
CA SER F 197 -22.63 -9.62 13.25
C SER F 197 -22.24 -10.92 13.93
N LEU F 198 -22.13 -10.88 15.26
CA LEU F 198 -21.62 -12.02 16.03
C LEU F 198 -22.40 -13.31 15.81
N GLY F 199 -23.72 -13.22 15.80
CA GLY F 199 -24.55 -14.41 15.71
C GLY F 199 -24.81 -14.91 14.30
N THR F 200 -24.59 -14.05 13.31
CA THR F 200 -24.99 -14.38 11.94
C THR F 200 -23.83 -14.50 10.95
N GLN F 201 -22.73 -13.80 11.21
CA GLN F 201 -21.62 -13.80 10.27
C GLN F 201 -20.52 -14.79 10.67
N THR F 202 -19.79 -15.27 9.67
CA THR F 202 -18.78 -16.29 9.89
C THR F 202 -17.38 -15.70 10.00
N TYR F 203 -16.68 -16.07 11.06
CA TYR F 203 -15.30 -15.63 11.26
C TYR F 203 -14.37 -16.81 11.48
N ILE F 204 -13.51 -17.06 10.49
CA ILE F 204 -12.59 -18.19 10.51
C ILE F 204 -11.13 -17.73 10.44
N CYS F 205 -10.34 -18.12 11.43
CA CYS F 205 -8.91 -17.84 11.39
C CYS F 205 -8.19 -18.95 10.64
N ASN F 206 -7.33 -18.57 9.71
CA ASN F 206 -6.57 -19.53 8.92
C ASN F 206 -5.13 -19.61 9.41
N VAL F 207 -4.86 -20.60 10.25
CA VAL F 207 -3.53 -20.77 10.81
C VAL F 207 -2.71 -21.74 9.96
N ASN F 208 -1.50 -21.33 9.59
CA ASN F 208 -0.62 -22.19 8.83
C ASN F 208 0.79 -22.25 9.41
N HIS F 209 1.25 -23.47 9.67
CA HIS F 209 2.59 -23.69 10.19
C HIS F 209 3.35 -24.64 9.28
N LYS F 210 4.03 -24.08 8.29
CA LYS F 210 4.69 -24.87 7.25
C LYS F 210 5.83 -25.81 7.71
N PRO F 211 6.51 -25.51 8.84
CA PRO F 211 7.54 -26.52 9.18
C PRO F 211 6.98 -27.86 9.64
N SER F 212 5.71 -27.91 10.01
CA SER F 212 5.10 -29.15 10.48
C SER F 212 3.98 -29.63 9.56
N ASN F 213 3.83 -28.97 8.41
CA ASN F 213 2.74 -29.25 7.49
C ASN F 213 1.38 -29.13 8.18
N THR F 214 1.26 -28.16 9.08
CA THR F 214 0.03 -27.97 9.82
C THR F 214 -0.77 -26.78 9.29
N LYS F 215 -1.99 -27.05 8.84
CA LYS F 215 -2.90 -26.01 8.41
C LYS F 215 -4.23 -26.18 9.12
N VAL F 216 -4.66 -25.14 9.84
CA VAL F 216 -5.88 -25.23 10.64
C VAL F 216 -6.84 -24.07 10.34
N ASP F 217 -8.07 -24.43 10.02
CA ASP F 217 -9.14 -23.44 9.85
C ASP F 217 -10.10 -23.54 11.03
N LYS F 218 -10.08 -22.53 11.89
CA LYS F 218 -10.89 -22.53 13.10
C LYS F 218 -11.98 -21.47 13.06
N LYS F 219 -13.23 -21.90 13.07
CA LYS F 219 -14.35 -20.97 13.10
C LYS F 219 -14.59 -20.48 14.53
N VAL F 220 -14.60 -19.16 14.70
CA VAL F 220 -14.84 -18.58 16.01
C VAL F 220 -16.25 -17.99 16.08
N GLU F 221 -16.99 -18.37 17.11
CA GLU F 221 -18.38 -17.94 17.27
C GLU F 221 -18.70 -17.83 18.75
N PRO F 222 -19.76 -17.07 19.10
CA PRO F 222 -20.20 -16.96 20.49
C PRO F 222 -20.41 -18.32 21.16
N LYS F 223 -19.90 -18.45 22.39
CA LYS F 223 -19.99 -19.72 23.11
C LYS F 223 -21.42 -19.99 23.58
N SER F 224 -21.90 -21.20 23.32
CA SER F 224 -23.24 -21.60 23.73
C SER F 224 -23.24 -22.08 25.18
N CYS F 225 -23.97 -21.37 26.03
CA CYS F 225 -24.04 -21.70 27.45
C CYS F 225 -25.27 -21.08 28.09
#